data_6L59
#
_entry.id   6L59
#
_cell.length_a   111.964
_cell.length_b   111.964
_cell.length_c   145.578
_cell.angle_alpha   90.000
_cell.angle_beta   90.000
_cell.angle_gamma   120.000
#
_symmetry.space_group_name_H-M   'P 31 2 1'
#
loop_
_entity.id
_entity.type
_entity.pdbx_description
1 polymer 'Isocitrate dehydrogenase [NAD] subunit alpha, mitochondrial'
2 polymer 'Isocitrate dehydrogenase [NAD] subunit gamma, mitochondrial'
3 non-polymer "ADENOSINE-5'-TRIPHOSPHATE"
4 non-polymer 'MAGNESIUM ION'
5 non-polymer 'CITRIC ACID'
6 water water
#
loop_
_entity_poly.entity_id
_entity_poly.type
_entity_poly.pdbx_seq_one_letter_code
_entity_poly.pdbx_strand_id
1 'polypeptide(L)'
;MGSTGGVQTVTLIPGDGIGPEISAAVMKIFDAAKAPIQWEERNVTAIQGPGGKWMIPSEAKESMDKNKMGLKGPLKTPIA
AGHPSMNLLLRKTFDLYANVRPCVSIEGYKTPYTDVNIVTIRENTEGEYSGIEHVIVDGVVQSIKLITEGASKRIAEFAF
EYARNNHRSNVTAVHKANIMRMSDGLFLQKCREVAESCKDIKFNEMYLDTVCLNMVQDPSQFDVLVMPNLYGDILSDLCA
GLIGGLGVTPSGNIGANGVAIFESVHGTAPDIAGKDMANPTALLLSAVMMLRHMGLFDHAARIEAACFATIKDGKSLTKD
LGGNAKCSDFTEEICRRVKDLD
;
A
2 'polypeptide(L)'
;MGSFSEQTIPPSAKYGGRHTVTMIPGDGIGPELMLHVKSVFRHACVPVDFEEVHVSSNADEEDIRNAIMAIRRNRVALKG
NIETNHNLPPSHKSRNNILRTSLDLYANVIHCKSLPGVVTRHKDIDILIVRENTEGEYSSLEHESVAGVVESLKIITKAK
SLRIAEYAFKLAQESGRKKVTAVHKANIMKLGDGLFLQCCREVAARYPQITFENMIVDNTTMQLVSRPQQFDVMVMPNLY
GNIVNNVCAGLVGGPGLVAGANYGHVYAVFETATRNTGKSIANKNIANPTATLLASCMMLDHLKLHSYATSIRKAVLASM
DNENMHTPDIGGQGTTSEAIQDVIRHIRVINGRAVEA
;
B
#
# COMPACT_ATOMS: atom_id res chain seq x y z
N VAL A 7 22.31 33.25 -11.28
CA VAL A 7 21.06 33.57 -10.58
C VAL A 7 19.89 33.34 -11.54
N GLN A 8 19.47 32.07 -11.64
CA GLN A 8 18.41 31.67 -12.55
C GLN A 8 17.04 32.00 -11.96
N THR A 9 15.99 31.80 -12.78
CA THR A 9 14.62 32.04 -12.35
C THR A 9 13.76 30.80 -12.57
N VAL A 10 12.69 30.72 -11.79
CA VAL A 10 11.80 29.56 -11.81
C VAL A 10 10.48 29.96 -12.43
N THR A 11 9.76 28.96 -12.92
CA THR A 11 8.38 29.16 -13.36
C THR A 11 7.47 28.87 -12.17
N LEU A 12 6.82 29.90 -11.65
CA LEU A 12 5.90 29.76 -10.54
C LEU A 12 4.48 29.64 -11.07
N ILE A 13 3.74 28.67 -10.55
CA ILE A 13 2.34 28.44 -10.93
C ILE A 13 1.50 28.47 -9.65
N PRO A 14 1.04 29.64 -9.23
CA PRO A 14 0.36 29.74 -7.92
C PRO A 14 -0.87 28.87 -7.82
N GLY A 15 -1.57 28.61 -8.93
CA GLY A 15 -2.75 27.79 -8.84
C GLY A 15 -3.90 28.52 -8.18
N ASP A 16 -4.86 27.75 -7.67
CA ASP A 16 -6.15 28.31 -7.27
C ASP A 16 -6.37 28.15 -5.77
N GLY A 17 -7.45 28.77 -5.30
CA GLY A 17 -7.83 28.76 -3.90
C GLY A 17 -6.76 29.32 -2.97
N ILE A 18 -6.16 28.45 -2.16
CA ILE A 18 -5.05 28.84 -1.28
C ILE A 18 -3.73 28.88 -2.02
N GLY A 19 -3.70 28.49 -3.29
CA GLY A 19 -2.50 28.49 -4.08
C GLY A 19 -1.69 29.78 -4.02
N PRO A 20 -2.32 30.92 -4.37
CA PRO A 20 -1.58 32.20 -4.32
C PRO A 20 -0.96 32.50 -2.96
N GLU A 21 -1.77 32.45 -1.90
CA GLU A 21 -1.32 32.67 -0.53
C GLU A 21 0.00 31.97 -0.21
N ILE A 22 0.03 30.64 -0.39
CA ILE A 22 1.22 29.88 -0.02
C ILE A 22 2.37 30.16 -0.99
N SER A 23 2.07 30.48 -2.25
CA SER A 23 3.15 30.88 -3.14
C SER A 23 3.69 32.25 -2.76
N ALA A 24 2.83 33.12 -2.23
CA ALA A 24 3.33 34.36 -1.65
C ALA A 24 4.24 34.06 -0.47
N ALA A 25 3.79 33.17 0.41
CA ALA A 25 4.56 32.81 1.60
C ALA A 25 5.92 32.22 1.23
N VAL A 26 5.98 31.42 0.16
CA VAL A 26 7.24 30.82 -0.24
C VAL A 26 8.18 31.87 -0.81
N MET A 27 7.63 32.85 -1.54
CA MET A 27 8.45 33.89 -2.12
C MET A 27 9.07 34.77 -1.03
N LYS A 28 8.27 35.17 -0.05
CA LYS A 28 8.79 35.99 1.05
C LYS A 28 9.91 35.27 1.80
N ILE A 29 9.82 33.94 1.93
CA ILE A 29 10.82 33.19 2.66
C ILE A 29 12.08 33.01 1.82
N PHE A 30 11.92 32.81 0.52
CA PHE A 30 13.09 32.73 -0.35
C PHE A 30 13.83 34.06 -0.39
N ASP A 31 13.09 35.16 -0.25
CA ASP A 31 13.68 36.49 -0.20
C ASP A 31 14.47 36.69 1.09
N ALA A 32 13.84 36.42 2.24
CA ALA A 32 14.51 36.53 3.54
C ALA A 32 15.75 35.64 3.63
N ALA A 33 15.87 34.66 2.75
CA ALA A 33 17.06 33.82 2.67
C ALA A 33 18.03 34.28 1.59
N LYS A 34 17.65 35.29 0.80
CA LYS A 34 18.44 35.75 -0.34
C LYS A 34 18.79 34.60 -1.28
N ALA A 35 17.78 33.80 -1.60
CA ALA A 35 17.97 32.72 -2.55
C ALA A 35 18.14 33.31 -3.95
N PRO A 36 19.17 32.90 -4.72
CA PRO A 36 19.32 33.45 -6.08
C PRO A 36 18.17 33.10 -7.00
N ILE A 37 16.94 33.36 -6.55
CA ILE A 37 15.73 32.86 -7.18
C ILE A 37 14.67 33.95 -7.16
N GLN A 38 14.21 34.37 -8.35
CA GLN A 38 13.02 35.17 -8.51
C GLN A 38 12.05 34.43 -9.43
N TRP A 39 10.77 34.80 -9.34
CA TRP A 39 9.66 34.00 -9.81
C TRP A 39 9.02 34.61 -11.06
N GLU A 40 8.67 33.74 -12.01
CA GLU A 40 8.04 34.11 -13.28
C GLU A 40 6.63 33.49 -13.32
N GLU A 41 5.65 34.22 -12.76
CA GLU A 41 4.31 33.67 -12.58
C GLU A 41 3.68 33.31 -13.91
N ARG A 42 2.97 32.18 -13.94
CA ARG A 42 2.42 31.65 -15.17
C ARG A 42 1.16 30.82 -14.87
N ASN A 43 0.17 30.91 -15.75
CA ASN A 43 -1.11 30.22 -15.58
C ASN A 43 -1.20 29.06 -16.56
N VAL A 44 -1.34 27.85 -16.02
CA VAL A 44 -1.64 26.67 -16.83
C VAL A 44 -3.13 26.39 -16.69
N THR A 45 -3.81 26.25 -17.82
CA THR A 45 -5.22 25.90 -17.86
C THR A 45 -5.48 25.18 -19.17
N ALA A 46 -6.38 24.21 -19.14
CA ALA A 46 -6.73 23.50 -20.35
C ALA A 46 -7.39 24.46 -21.34
N ILE A 47 -6.83 24.58 -22.55
CA ILE A 47 -7.36 25.44 -23.60
C ILE A 47 -7.28 24.72 -24.95
N GLN A 48 -8.05 25.25 -25.92
CA GLN A 48 -8.17 24.69 -27.27
C GLN A 48 -8.62 23.22 -27.23
N TRP A 54 -6.66 19.97 -26.78
CA TRP A 54 -6.36 20.21 -25.36
C TRP A 54 -4.86 20.47 -25.15
N MET A 55 -4.54 21.49 -24.36
CA MET A 55 -3.17 21.93 -24.15
C MET A 55 -3.10 22.91 -22.99
N ILE A 56 -1.89 23.14 -22.50
CA ILE A 56 -1.63 24.22 -21.54
C ILE A 56 -1.21 25.45 -22.34
N PRO A 57 -1.48 26.67 -21.86
CA PRO A 57 -1.20 27.87 -22.66
C PRO A 57 0.25 27.93 -23.13
N SER A 58 0.45 28.61 -24.27
CA SER A 58 1.77 28.67 -24.89
C SER A 58 2.76 29.44 -24.02
N GLU A 59 2.29 30.46 -23.29
CA GLU A 59 3.15 31.22 -22.40
C GLU A 59 3.64 30.39 -21.22
N ALA A 60 2.93 29.31 -20.89
CA ALA A 60 3.36 28.40 -19.83
C ALA A 60 4.42 27.42 -20.32
N LYS A 61 4.13 26.71 -21.43
CA LYS A 61 5.10 25.76 -21.97
C LYS A 61 6.42 26.45 -22.34
N GLU A 62 6.36 27.75 -22.66
CA GLU A 62 7.55 28.48 -23.07
C GLU A 62 8.45 28.79 -21.88
N SER A 63 7.87 29.31 -20.79
CA SER A 63 8.66 29.56 -19.58
C SER A 63 9.31 28.28 -19.09
N MET A 64 8.55 27.18 -19.07
CA MET A 64 9.07 25.94 -18.50
C MET A 64 10.14 25.31 -19.38
N ASP A 65 10.00 25.40 -20.71
CA ASP A 65 11.11 24.96 -21.57
C ASP A 65 12.31 25.88 -21.43
N LYS A 66 12.12 27.11 -20.97
CA LYS A 66 13.22 28.06 -20.82
C LYS A 66 13.95 27.85 -19.50
N ASN A 67 13.23 28.05 -18.39
CA ASN A 67 13.81 27.92 -17.06
C ASN A 67 14.04 26.46 -16.65
N LYS A 68 13.23 25.53 -17.17
CA LYS A 68 13.25 24.09 -16.90
C LYS A 68 12.90 23.74 -15.46
N MET A 69 12.64 24.72 -14.61
CA MET A 69 12.30 24.49 -13.21
C MET A 69 10.96 25.15 -12.90
N GLY A 70 10.05 24.39 -12.30
CA GLY A 70 8.76 24.93 -11.93
C GLY A 70 8.41 24.60 -10.48
N LEU A 71 7.64 25.49 -9.88
CA LEU A 71 7.02 25.24 -8.59
C LEU A 71 5.53 25.48 -8.75
N LYS A 72 4.74 24.43 -8.53
CA LYS A 72 3.31 24.44 -8.80
C LYS A 72 2.53 24.24 -7.51
N GLY A 73 1.53 25.09 -7.28
CA GLY A 73 0.62 24.93 -6.17
C GLY A 73 -0.65 24.21 -6.61
N PRO A 74 -1.65 24.14 -5.74
CA PRO A 74 -2.83 23.33 -6.05
C PRO A 74 -3.72 23.95 -7.11
N LEU A 75 -4.19 23.10 -8.03
CA LEU A 75 -5.10 23.49 -9.11
C LEU A 75 -6.49 22.95 -8.83
N LYS A 76 -7.49 23.62 -9.39
CA LYS A 76 -8.86 23.14 -9.24
C LYS A 76 -9.15 22.07 -10.28
N THR A 77 -10.22 21.31 -10.03
CA THR A 77 -10.60 20.22 -10.92
C THR A 77 -11.85 20.59 -11.73
N PRO A 84 -9.89 17.24 -19.07
CA PRO A 84 -8.68 16.43 -18.85
C PRO A 84 -7.88 16.85 -17.62
N SER A 85 -7.48 15.88 -16.79
CA SER A 85 -6.58 16.12 -15.67
C SER A 85 -5.35 16.89 -16.14
N MET A 86 -4.99 17.94 -15.40
CA MET A 86 -3.85 18.75 -15.83
C MET A 86 -2.52 18.13 -15.43
N ASN A 87 -2.45 17.42 -14.30
CA ASN A 87 -1.19 16.75 -13.98
C ASN A 87 -0.93 15.61 -14.96
N LEU A 88 -1.99 15.04 -15.55
CA LEU A 88 -1.83 14.20 -16.72
C LEU A 88 -1.33 15.02 -17.91
N LEU A 89 -1.95 16.18 -18.12
CA LEU A 89 -1.57 17.04 -19.24
C LEU A 89 -0.10 17.46 -19.12
N LEU A 90 0.29 17.99 -17.96
CA LEU A 90 1.67 18.42 -17.75
C LEU A 90 2.65 17.25 -17.89
N ARG A 91 2.26 16.06 -17.43
CA ARG A 91 3.13 14.89 -17.51
C ARG A 91 3.45 14.54 -18.95
N LYS A 92 2.41 14.42 -19.78
CA LYS A 92 2.64 14.13 -21.19
C LYS A 92 3.33 15.29 -21.89
N THR A 93 3.03 16.54 -21.48
CA THR A 93 3.61 17.70 -22.14
C THR A 93 5.11 17.81 -21.87
N PHE A 94 5.59 17.40 -20.70
CA PHE A 94 7.01 17.49 -20.37
C PHE A 94 7.68 16.13 -20.15
N ASP A 95 6.98 15.03 -20.46
CA ASP A 95 7.52 13.68 -20.26
C ASP A 95 7.98 13.47 -18.81
N LEU A 96 7.13 13.89 -17.86
CA LEU A 96 7.42 13.72 -16.45
C LEU A 96 7.36 12.25 -16.05
N TYR A 97 8.49 11.55 -16.12
CA TYR A 97 8.52 10.11 -15.96
C TYR A 97 8.84 9.64 -14.55
N ALA A 98 9.22 10.52 -13.62
CA ALA A 98 9.66 10.11 -12.29
C ALA A 98 9.01 10.97 -11.23
N ASN A 99 8.10 10.38 -10.46
CA ASN A 99 7.49 11.04 -9.31
C ASN A 99 8.33 10.69 -8.07
N VAL A 100 8.68 11.71 -7.30
CA VAL A 100 9.58 11.54 -6.17
C VAL A 100 8.95 12.19 -4.96
N ARG A 101 8.80 11.42 -3.88
CA ARG A 101 8.23 11.94 -2.64
C ARG A 101 9.08 11.52 -1.45
N PRO A 102 9.96 12.40 -0.97
CA PRO A 102 10.68 12.12 0.30
C PRO A 102 9.76 12.43 1.47
N CYS A 103 9.68 11.48 2.41
CA CYS A 103 8.86 11.61 3.61
C CYS A 103 9.76 11.47 4.83
N VAL A 104 9.76 12.52 5.67
CA VAL A 104 10.57 12.61 6.87
C VAL A 104 9.64 12.98 8.02
N SER A 105 9.72 12.24 9.13
CA SER A 105 8.93 12.63 10.29
C SER A 105 9.31 14.04 10.70
N ILE A 106 8.33 14.80 11.18
CA ILE A 106 8.52 16.22 11.47
C ILE A 106 8.52 16.39 12.98
N GLU A 107 9.62 16.91 13.52
CA GLU A 107 9.68 17.25 14.94
C GLU A 107 8.70 18.38 15.23
N GLY A 108 7.78 18.15 16.18
CA GLY A 108 6.75 19.10 16.50
C GLY A 108 5.38 18.73 15.96
N TYR A 109 5.32 17.98 14.86
CA TYR A 109 4.07 17.44 14.35
C TYR A 109 4.04 15.94 14.67
N LYS A 110 3.40 15.59 15.78
CA LYS A 110 3.45 14.24 16.34
C LYS A 110 2.48 13.32 15.59
N THR A 111 3.03 12.33 14.90
CA THR A 111 2.29 11.16 14.44
C THR A 111 2.83 9.92 15.14
N PRO A 112 2.09 8.80 15.13
CA PRO A 112 2.61 7.58 15.77
C PRO A 112 3.85 7.01 15.07
N TYR A 113 4.33 7.66 14.03
CA TYR A 113 5.51 7.21 13.29
C TYR A 113 6.55 8.32 13.35
N THR A 114 7.61 8.11 14.12
CA THR A 114 8.57 9.16 14.40
C THR A 114 9.93 8.93 13.76
N ASP A 115 10.15 7.81 13.07
CA ASP A 115 11.46 7.55 12.50
C ASP A 115 11.40 7.31 11.00
N VAL A 116 10.49 7.98 10.31
CA VAL A 116 10.30 7.78 8.88
C VAL A 116 11.30 8.65 8.11
N ASN A 117 12.04 8.03 7.22
CA ASN A 117 12.83 8.76 6.23
C ASN A 117 12.88 7.87 4.98
N ILE A 118 11.85 8.00 4.15
CA ILE A 118 11.66 7.18 2.96
C ILE A 118 11.50 8.11 1.77
N VAL A 119 12.10 7.75 0.65
CA VAL A 119 11.83 8.39 -0.62
C VAL A 119 11.18 7.36 -1.52
N THR A 120 9.90 7.56 -1.85
CA THR A 120 9.26 6.74 -2.87
C THR A 120 9.58 7.30 -4.24
N ILE A 121 10.01 6.44 -5.16
CA ILE A 121 10.38 6.82 -6.50
C ILE A 121 9.48 6.03 -7.45
N ARG A 122 8.56 6.74 -8.12
CA ARG A 122 7.44 6.12 -8.81
C ARG A 122 7.52 6.35 -10.31
N GLU A 123 7.61 5.27 -11.07
CA GLU A 123 7.46 5.35 -12.52
C GLU A 123 6.11 5.97 -12.87
N ASN A 124 6.13 7.02 -13.70
CA ASN A 124 4.99 7.90 -13.81
C ASN A 124 4.32 7.89 -15.18
N THR A 125 4.78 7.09 -16.13
CA THR A 125 4.25 7.17 -17.49
C THR A 125 3.34 6.00 -17.87
N GLU A 126 3.63 4.79 -17.38
CA GLU A 126 2.90 3.62 -17.86
C GLU A 126 2.33 2.78 -16.73
N GLY A 127 2.61 1.47 -16.73
CA GLY A 127 2.02 0.58 -15.74
C GLY A 127 0.50 0.49 -15.84
N GLU A 128 -0.14 0.40 -14.68
CA GLU A 128 -1.59 0.26 -14.63
C GLU A 128 -2.31 1.48 -15.19
N TYR A 129 -1.60 2.58 -15.42
CA TYR A 129 -2.20 3.82 -15.91
C TYR A 129 -1.91 3.99 -17.39
N SER A 130 -2.07 2.90 -18.15
CA SER A 130 -1.87 2.93 -19.59
C SER A 130 -2.98 3.65 -20.33
N GLY A 131 -4.11 3.93 -19.68
CA GLY A 131 -5.26 4.52 -20.35
C GLY A 131 -6.04 3.58 -21.25
N ILE A 132 -5.71 2.30 -21.28
CA ILE A 132 -6.32 1.34 -22.20
C ILE A 132 -7.19 0.39 -21.39
N GLU A 133 -8.50 0.49 -21.61
CA GLU A 133 -9.46 -0.49 -21.12
C GLU A 133 -10.39 -0.87 -22.26
N HIS A 134 -10.87 -2.11 -22.26
CA HIS A 134 -11.86 -2.57 -23.23
C HIS A 134 -12.99 -3.29 -22.52
N VAL A 135 -14.22 -3.02 -22.96
CA VAL A 135 -15.34 -3.93 -22.70
C VAL A 135 -15.18 -5.09 -23.66
N ILE A 136 -14.78 -6.26 -23.14
CA ILE A 136 -14.55 -7.43 -23.98
C ILE A 136 -15.85 -8.03 -24.46
N VAL A 137 -16.77 -8.26 -23.53
CA VAL A 137 -18.16 -8.61 -23.78
C VAL A 137 -18.91 -7.93 -22.65
N ASP A 138 -20.22 -7.86 -22.76
CA ASP A 138 -21.00 -7.21 -21.72
C ASP A 138 -20.74 -7.84 -20.36
N GLY A 139 -20.41 -7.00 -19.38
CA GLY A 139 -20.13 -7.45 -18.04
C GLY A 139 -18.72 -7.95 -17.82
N VAL A 140 -17.80 -7.70 -18.75
CA VAL A 140 -16.44 -8.23 -18.72
C VAL A 140 -15.50 -7.14 -19.21
N VAL A 141 -14.69 -6.59 -18.30
CA VAL A 141 -13.83 -5.47 -18.63
C VAL A 141 -12.37 -5.89 -18.48
N GLN A 142 -11.55 -5.48 -19.44
CA GLN A 142 -10.11 -5.69 -19.43
C GLN A 142 -9.40 -4.34 -19.28
N SER A 143 -8.55 -4.22 -18.27
CA SER A 143 -7.67 -3.05 -18.14
C SER A 143 -6.23 -3.51 -18.34
N ILE A 144 -5.52 -2.81 -19.20
CA ILE A 144 -4.19 -3.22 -19.62
C ILE A 144 -3.16 -2.55 -18.74
N LYS A 145 -2.31 -3.36 -18.11
CA LYS A 145 -1.11 -2.88 -17.46
C LYS A 145 0.05 -3.00 -18.45
N LEU A 146 0.77 -1.91 -18.64
CA LEU A 146 1.85 -1.85 -19.64
C LEU A 146 3.18 -1.63 -18.92
N ILE A 147 4.10 -2.56 -19.10
CA ILE A 147 5.46 -2.43 -18.59
C ILE A 147 6.42 -2.56 -19.77
N THR A 148 7.24 -1.55 -19.99
CA THR A 148 8.19 -1.59 -21.07
C THR A 148 9.62 -1.62 -20.51
N GLU A 149 10.49 -2.30 -21.25
CA GLU A 149 11.89 -2.35 -20.88
C GLU A 149 12.50 -0.95 -20.84
N GLY A 150 12.13 -0.10 -21.80
CA GLY A 150 12.61 1.27 -21.82
C GLY A 150 12.28 2.09 -20.58
N ALA A 151 10.99 2.26 -20.29
CA ALA A 151 10.61 3.09 -19.16
C ALA A 151 11.03 2.47 -17.83
N SER A 152 11.19 1.14 -17.78
CA SER A 152 11.61 0.51 -16.52
C SER A 152 13.07 0.81 -16.22
N LYS A 153 13.94 0.53 -17.20
CA LYS A 153 15.35 0.93 -17.08
C LYS A 153 15.47 2.41 -16.73
N ARG A 154 14.66 3.25 -17.38
CA ARG A 154 14.72 4.69 -17.13
C ARG A 154 14.46 5.02 -15.67
N ILE A 155 13.42 4.46 -15.08
CA ILE A 155 13.08 4.81 -13.69
C ILE A 155 14.07 4.17 -12.71
N ALA A 156 14.67 3.03 -13.08
CA ALA A 156 15.69 2.40 -12.24
C ALA A 156 16.96 3.25 -12.20
N GLU A 157 17.44 3.66 -13.37
CA GLU A 157 18.60 4.54 -13.43
C GLU A 157 18.38 5.82 -12.63
N PHE A 158 17.19 6.41 -12.73
CA PHE A 158 16.92 7.58 -11.91
C PHE A 158 16.98 7.24 -10.43
N ALA A 159 16.43 6.09 -10.04
CA ALA A 159 16.42 5.72 -8.62
C ALA A 159 17.83 5.64 -8.07
N PHE A 160 18.71 4.92 -8.79
CA PHE A 160 20.08 4.78 -8.34
C PHE A 160 20.83 6.11 -8.42
N GLU A 161 20.56 6.91 -9.46
CA GLU A 161 21.17 8.23 -9.53
C GLU A 161 20.67 9.13 -8.41
N TYR A 162 19.39 9.04 -8.06
CA TYR A 162 18.89 9.83 -6.95
C TYR A 162 19.55 9.42 -5.65
N ALA A 163 19.81 8.12 -5.49
CA ALA A 163 20.35 7.60 -4.25
C ALA A 163 21.75 8.15 -4.01
N ARG A 164 22.62 8.07 -5.03
CA ARG A 164 23.95 8.65 -4.94
C ARG A 164 23.89 10.12 -4.55
N ASN A 165 23.24 10.94 -5.38
CA ASN A 165 23.29 12.39 -5.18
C ASN A 165 22.59 12.85 -3.91
N ASN A 166 21.83 11.98 -3.23
CA ASN A 166 21.21 12.36 -1.98
C ASN A 166 21.75 11.56 -0.81
N HIS A 167 22.87 10.86 -1.01
CA HIS A 167 23.57 10.13 0.04
C HIS A 167 22.60 9.16 0.72
N ARG A 168 21.99 8.33 -0.11
CA ARG A 168 21.03 7.30 0.28
C ARG A 168 21.73 5.96 0.13
N SER A 169 21.63 5.10 1.16
CA SER A 169 22.42 3.88 1.17
C SER A 169 21.76 2.73 0.40
N ASN A 170 20.42 2.62 0.46
CA ASN A 170 19.73 1.42 0.00
C ASN A 170 18.56 1.76 -0.92
N VAL A 171 18.42 0.98 -1.98
CA VAL A 171 17.26 1.07 -2.88
C VAL A 171 16.55 -0.28 -2.85
N THR A 172 15.22 -0.24 -2.73
CA THR A 172 14.39 -1.45 -2.78
C THR A 172 13.43 -1.36 -3.96
N ALA A 173 13.46 -2.37 -4.83
CA ALA A 173 12.44 -2.55 -5.84
C ALA A 173 11.22 -3.23 -5.23
N VAL A 174 10.04 -2.63 -5.42
CA VAL A 174 8.79 -3.13 -4.86
C VAL A 174 7.93 -3.67 -5.98
N HIS A 175 7.50 -4.94 -5.87
CA HIS A 175 6.93 -5.63 -7.01
C HIS A 175 5.92 -6.67 -6.56
N LYS A 176 5.22 -7.25 -7.53
CA LYS A 176 4.37 -8.43 -7.38
C LYS A 176 4.68 -9.42 -8.51
N ALA A 177 5.96 -9.65 -8.76
CA ALA A 177 6.36 -10.55 -9.83
C ALA A 177 5.99 -12.00 -9.56
N ASN A 178 5.58 -12.35 -8.33
CA ASN A 178 5.06 -13.69 -8.09
C ASN A 178 3.72 -13.89 -8.80
N ILE A 179 2.93 -12.82 -8.91
CA ILE A 179 1.56 -12.89 -9.44
C ILE A 179 1.49 -12.37 -10.86
N MET A 180 2.24 -11.30 -11.16
CA MET A 180 2.31 -10.68 -12.47
C MET A 180 3.74 -10.92 -12.97
N ARG A 181 3.99 -12.14 -13.41
CA ARG A 181 5.37 -12.59 -13.64
C ARG A 181 6.01 -11.84 -14.80
N MET A 182 5.29 -11.73 -15.91
CA MET A 182 5.93 -11.20 -17.11
C MET A 182 6.11 -9.70 -17.02
N SER A 183 5.14 -8.99 -16.42
CA SER A 183 5.19 -7.53 -16.40
C SER A 183 6.05 -7.02 -15.25
N ASP A 184 5.66 -7.31 -14.01
CA ASP A 184 6.50 -6.94 -12.87
C ASP A 184 7.88 -7.60 -12.95
N GLY A 185 7.97 -8.80 -13.52
CA GLY A 185 9.28 -9.42 -13.66
C GLY A 185 10.22 -8.62 -14.55
N LEU A 186 9.71 -8.09 -15.66
CA LEU A 186 10.54 -7.25 -16.52
C LEU A 186 10.98 -6.00 -15.78
N PHE A 187 10.04 -5.35 -15.07
CA PHE A 187 10.40 -4.22 -14.23
C PHE A 187 11.54 -4.59 -13.28
N LEU A 188 11.41 -5.74 -12.61
CA LEU A 188 12.45 -6.21 -11.72
C LEU A 188 13.75 -6.41 -12.48
N GLN A 189 13.69 -7.12 -13.61
CA GLN A 189 14.89 -7.46 -14.36
C GLN A 189 15.70 -6.22 -14.74
N LYS A 190 15.03 -5.10 -15.03
CA LYS A 190 15.78 -3.87 -15.35
C LYS A 190 16.30 -3.18 -14.10
N CYS A 191 15.59 -3.33 -12.98
CA CYS A 191 16.12 -2.85 -11.70
C CYS A 191 17.38 -3.63 -11.32
N ARG A 192 17.38 -4.93 -11.62
CA ARG A 192 18.51 -5.79 -11.32
C ARG A 192 19.74 -5.37 -12.11
N GLU A 193 19.55 -5.07 -13.40
CA GLU A 193 20.69 -4.72 -14.24
C GLU A 193 21.34 -3.43 -13.77
N VAL A 194 20.54 -2.37 -13.58
CA VAL A 194 21.08 -1.12 -13.06
C VAL A 194 21.77 -1.33 -11.71
N ALA A 195 21.28 -2.29 -10.91
CA ALA A 195 21.90 -2.55 -9.61
C ALA A 195 23.31 -3.10 -9.76
N GLU A 196 23.54 -4.02 -10.70
CA GLU A 196 24.85 -4.65 -10.82
C GLU A 196 25.88 -3.74 -11.46
N SER A 197 25.48 -2.59 -11.98
CA SER A 197 26.40 -1.56 -12.44
C SER A 197 26.52 -0.40 -11.45
N CYS A 198 25.83 -0.47 -10.32
CA CYS A 198 25.86 0.58 -9.30
C CYS A 198 25.96 -0.05 -7.91
N LYS A 199 27.02 -0.84 -7.68
CA LYS A 199 27.11 -1.58 -6.44
C LYS A 199 27.46 -0.72 -5.23
N ASP A 200 27.74 0.57 -5.39
CA ASP A 200 27.94 1.40 -4.21
C ASP A 200 26.63 1.65 -3.46
N ILE A 201 25.49 1.39 -4.08
CA ILE A 201 24.18 1.45 -3.44
C ILE A 201 23.68 0.01 -3.30
N LYS A 202 23.22 -0.34 -2.09
CA LYS A 202 22.81 -1.71 -1.82
C LYS A 202 21.36 -1.92 -2.24
N PHE A 203 21.15 -2.93 -3.08
CA PHE A 203 19.87 -3.18 -3.73
C PHE A 203 19.21 -4.43 -3.16
N ASN A 204 17.91 -4.34 -2.89
CA ASN A 204 17.11 -5.51 -2.54
C ASN A 204 15.74 -5.41 -3.19
N GLU A 205 15.00 -6.51 -3.13
CA GLU A 205 13.69 -6.66 -3.73
C GLU A 205 12.72 -7.12 -2.66
N MET A 206 11.50 -6.60 -2.68
CA MET A 206 10.49 -7.01 -1.71
C MET A 206 9.12 -6.96 -2.37
N TYR A 207 8.26 -7.91 -1.99
CA TYR A 207 6.86 -7.91 -2.45
C TYR A 207 6.09 -6.71 -1.92
N LEU A 208 5.23 -6.16 -2.77
CA LEU A 208 4.43 -4.99 -2.39
C LEU A 208 3.67 -5.23 -1.09
N ASP A 209 3.07 -6.42 -0.92
CA ASP A 209 2.28 -6.62 0.29
C ASP A 209 3.20 -6.67 1.52
N THR A 210 4.38 -7.27 1.40
CA THR A 210 5.30 -7.31 2.55
C THR A 210 5.83 -5.93 2.89
N VAL A 211 6.17 -5.12 1.89
CA VAL A 211 6.52 -3.72 2.14
C VAL A 211 5.40 -3.04 2.92
N CYS A 212 4.15 -3.25 2.50
CA CYS A 212 3.00 -2.66 3.18
C CYS A 212 2.89 -3.17 4.62
N LEU A 213 3.06 -4.48 4.79
CA LEU A 213 2.98 -5.10 6.11
C LEU A 213 4.04 -4.55 7.06
N ASN A 214 5.28 -4.45 6.56
CA ASN A 214 6.39 -3.94 7.37
C ASN A 214 6.31 -2.44 7.58
N MET A 215 5.81 -1.70 6.59
CA MET A 215 5.82 -0.24 6.64
C MET A 215 5.08 0.27 7.86
N VAL A 216 3.91 -0.30 8.16
CA VAL A 216 3.09 0.22 9.26
C VAL A 216 3.56 -0.30 10.61
N GLN A 217 4.52 -1.22 10.64
CA GLN A 217 5.11 -1.68 11.88
C GLN A 217 6.43 -0.99 12.19
N ASP A 218 7.36 -0.97 11.23
CA ASP A 218 8.67 -0.36 11.43
C ASP A 218 9.10 0.32 10.15
N PRO A 219 8.63 1.55 9.91
CA PRO A 219 9.00 2.26 8.67
C PRO A 219 10.47 2.66 8.60
N SER A 220 11.21 2.62 9.72
CA SER A 220 12.62 3.01 9.71
C SER A 220 13.49 2.08 8.88
N GLN A 221 13.03 0.86 8.59
CA GLN A 221 13.82 -0.08 7.82
C GLN A 221 13.89 0.26 6.34
N PHE A 222 13.15 1.27 5.86
CA PHE A 222 13.10 1.58 4.44
C PHE A 222 13.82 2.87 4.14
N ASP A 223 14.47 2.89 2.97
CA ASP A 223 15.27 4.01 2.48
C ASP A 223 14.68 4.55 1.19
N VAL A 224 15.15 4.07 0.03
CA VAL A 224 14.63 4.46 -1.27
C VAL A 224 13.83 3.30 -1.84
N LEU A 225 12.59 3.57 -2.24
CA LEU A 225 11.69 2.58 -2.81
C LEU A 225 11.43 2.93 -4.28
N VAL A 226 11.71 2.00 -5.19
CA VAL A 226 11.43 2.20 -6.61
C VAL A 226 10.42 1.14 -7.04
N MET A 227 9.42 1.55 -7.83
CA MET A 227 8.34 0.64 -8.16
C MET A 227 7.55 1.21 -9.34
N PRO A 228 6.77 0.36 -10.04
CA PRO A 228 5.93 0.86 -11.12
C PRO A 228 4.75 1.70 -10.63
N ASN A 229 3.92 2.15 -11.57
CA ASN A 229 3.11 3.35 -11.41
C ASN A 229 2.10 3.22 -10.27
N LEU A 230 1.21 2.23 -10.33
CA LEU A 230 0.15 2.11 -9.32
C LEU A 230 0.72 1.86 -7.92
N TYR A 231 1.74 1.00 -7.80
CA TYR A 231 2.32 0.76 -6.49
C TYR A 231 2.91 2.05 -5.93
N GLY A 232 3.63 2.80 -6.78
CA GLY A 232 4.15 4.10 -6.35
C GLY A 232 3.05 5.08 -6.00
N ASP A 233 1.97 5.07 -6.79
CA ASP A 233 0.83 5.93 -6.50
C ASP A 233 0.31 5.68 -5.09
N ILE A 234 0.12 4.41 -4.72
CA ILE A 234 -0.43 4.07 -3.42
C ILE A 234 0.59 4.28 -2.31
N LEU A 235 1.80 3.75 -2.48
CA LEU A 235 2.77 3.76 -1.39
C LEU A 235 3.19 5.18 -0.99
N SER A 236 3.33 6.09 -1.98
CA SER A 236 3.66 7.47 -1.66
C SER A 236 2.58 8.12 -0.81
N ASP A 237 1.32 7.75 -1.01
CA ASP A 237 0.29 8.29 -0.13
C ASP A 237 0.30 7.62 1.23
N LEU A 238 0.54 6.30 1.28
CA LEU A 238 0.71 5.61 2.55
C LEU A 238 1.81 6.27 3.39
N CYS A 239 2.98 6.46 2.80
CA CYS A 239 4.10 7.05 3.55
C CYS A 239 3.76 8.45 4.05
N ALA A 240 3.15 9.27 3.18
CA ALA A 240 2.74 10.62 3.56
C ALA A 240 1.78 10.58 4.73
N GLY A 241 0.88 9.60 4.75
CA GLY A 241 0.06 9.38 5.93
C GLY A 241 0.86 9.06 7.18
N LEU A 242 2.07 8.52 7.03
CA LEU A 242 2.84 8.20 8.23
C LEU A 242 3.41 9.44 8.89
N ILE A 243 3.68 10.50 8.12
CA ILE A 243 4.37 11.68 8.66
C ILE A 243 3.44 12.87 8.88
N GLY A 244 2.16 12.76 8.52
CA GLY A 244 1.27 13.85 8.89
C GLY A 244 0.23 14.26 7.86
N GLY A 245 0.48 13.97 6.59
CA GLY A 245 -0.53 14.15 5.58
C GLY A 245 0.02 14.95 4.41
N LEU A 246 -0.88 15.30 3.50
CA LEU A 246 -0.51 16.02 2.28
C LEU A 246 -0.28 17.51 2.53
N GLY A 247 -0.68 18.01 3.70
CA GLY A 247 -0.39 19.39 4.05
C GLY A 247 1.08 19.67 4.28
N VAL A 248 1.88 18.64 4.58
CA VAL A 248 3.28 18.81 4.91
C VAL A 248 4.22 18.09 3.94
N THR A 249 3.69 17.45 2.91
CA THR A 249 4.58 16.55 2.18
C THR A 249 5.01 17.17 0.85
N PRO A 250 6.31 17.22 0.58
CA PRO A 250 6.78 17.77 -0.69
C PRO A 250 6.75 16.73 -1.79
N SER A 251 6.75 17.21 -3.03
CA SER A 251 6.74 16.31 -4.16
C SER A 251 7.45 16.95 -5.34
N GLY A 252 8.15 16.13 -6.11
CA GLY A 252 8.81 16.60 -7.31
C GLY A 252 8.62 15.63 -8.45
N ASN A 253 8.50 16.18 -9.66
CA ASN A 253 8.38 15.37 -10.86
C ASN A 253 9.48 15.73 -11.83
N ILE A 254 10.20 14.71 -12.30
CA ILE A 254 11.36 14.87 -13.18
C ILE A 254 10.94 14.46 -14.58
N GLY A 255 11.25 15.30 -15.58
CA GLY A 255 10.87 15.05 -16.95
C GLY A 255 12.02 14.98 -17.93
N ALA A 256 11.71 14.95 -19.23
CA ALA A 256 12.75 14.88 -20.24
C ALA A 256 13.39 16.25 -20.44
N ASN A 257 14.57 16.24 -21.09
CA ASN A 257 15.28 17.48 -21.44
C ASN A 257 15.48 18.39 -20.23
N GLY A 258 15.68 17.79 -19.06
CA GLY A 258 16.03 18.55 -17.88
C GLY A 258 14.92 19.33 -17.21
N VAL A 259 13.66 19.05 -17.54
CA VAL A 259 12.55 19.71 -16.85
C VAL A 259 12.31 19.02 -15.51
N ALA A 260 11.80 19.78 -14.55
CA ALA A 260 11.42 19.23 -13.26
C ALA A 260 10.43 20.19 -12.61
N ILE A 261 9.29 19.66 -12.18
CA ILE A 261 8.24 20.47 -11.57
C ILE A 261 8.00 19.96 -10.15
N PHE A 262 8.11 20.85 -9.18
CA PHE A 262 7.93 20.54 -7.78
C PHE A 262 6.64 21.18 -7.30
N GLU A 263 5.92 20.48 -6.43
CA GLU A 263 4.51 20.78 -6.31
C GLU A 263 3.97 20.47 -4.94
N SER A 264 2.98 21.27 -4.54
CA SER A 264 2.00 20.84 -3.58
C SER A 264 1.32 19.56 -4.08
N VAL A 265 0.76 18.77 -3.16
CA VAL A 265 -0.16 17.70 -3.57
C VAL A 265 -1.44 17.73 -2.74
N HIS A 266 -1.59 18.70 -1.85
CA HIS A 266 -2.86 18.85 -1.14
C HIS A 266 -3.90 19.54 -2.04
N GLY A 267 -5.10 19.73 -1.48
CA GLY A 267 -6.21 20.40 -2.16
C GLY A 267 -5.97 21.90 -2.37
N THR A 268 -6.95 22.56 -2.98
CA THR A 268 -6.93 24.02 -3.04
C THR A 268 -7.54 24.66 -1.81
N ALA A 269 -8.18 23.87 -0.95
CA ALA A 269 -8.82 24.36 0.27
C ALA A 269 -9.66 25.62 0.03
N PRO A 270 -10.69 25.54 -0.83
CA PRO A 270 -11.48 26.75 -1.10
C PRO A 270 -12.14 27.32 0.13
N ASP A 271 -12.47 26.48 1.11
CA ASP A 271 -13.18 26.92 2.30
C ASP A 271 -12.35 27.83 3.19
N ILE A 272 -11.06 27.99 2.92
CA ILE A 272 -10.21 28.90 3.68
C ILE A 272 -9.35 29.68 2.69
N ALA A 273 -9.81 29.77 1.44
CA ALA A 273 -8.95 30.13 0.31
C ALA A 273 -8.34 31.52 0.44
N GLY A 274 -9.05 32.48 1.05
CA GLY A 274 -8.50 33.82 1.16
C GLY A 274 -8.32 34.28 2.60
N LYS A 275 -8.77 33.47 3.54
CA LYS A 275 -8.86 33.87 4.94
C LYS A 275 -7.52 33.84 5.68
N ASP A 276 -6.40 33.69 4.97
CA ASP A 276 -5.06 33.70 5.56
C ASP A 276 -4.92 32.71 6.72
N MET A 277 -5.36 31.48 6.49
CA MET A 277 -5.17 30.39 7.45
C MET A 277 -4.42 29.20 6.86
N ALA A 278 -3.98 29.27 5.60
CA ALA A 278 -3.35 28.14 4.94
C ALA A 278 -2.04 27.75 5.62
N ASN A 279 -1.63 26.51 5.36
CA ASN A 279 -0.31 26.01 5.77
C ASN A 279 0.57 25.95 4.53
N PRO A 280 1.60 26.78 4.43
CA PRO A 280 2.49 26.75 3.26
C PRO A 280 3.61 25.71 3.33
N THR A 281 3.68 24.94 4.42
CA THR A 281 4.81 24.04 4.65
C THR A 281 5.12 23.19 3.43
N ALA A 282 4.10 22.53 2.87
CA ALA A 282 4.33 21.54 1.82
C ALA A 282 4.94 22.17 0.57
N LEU A 283 4.32 23.26 0.09
CA LEU A 283 4.88 23.94 -1.07
C LEU A 283 6.29 24.42 -0.79
N LEU A 284 6.52 24.92 0.43
CA LEU A 284 7.87 25.34 0.84
C LEU A 284 8.87 24.19 0.74
N LEU A 285 8.50 23.00 1.25
CA LEU A 285 9.48 21.91 1.20
C LEU A 285 9.68 21.38 -0.20
N SER A 286 8.65 21.50 -1.06
CA SER A 286 8.87 21.21 -2.47
C SER A 286 9.81 22.23 -3.09
N ALA A 287 9.73 23.48 -2.61
CA ALA A 287 10.68 24.50 -3.06
C ALA A 287 12.08 24.21 -2.54
N VAL A 288 12.21 23.83 -1.27
CA VAL A 288 13.50 23.35 -0.75
C VAL A 288 14.02 22.22 -1.64
N MET A 289 13.16 21.23 -1.89
CA MET A 289 13.50 20.17 -2.81
C MET A 289 13.93 20.72 -4.16
N MET A 290 13.19 21.70 -4.68
CA MET A 290 13.57 22.38 -5.92
C MET A 290 15.00 22.90 -5.86
N LEU A 291 15.33 23.64 -4.79
CA LEU A 291 16.69 24.18 -4.65
C LEU A 291 17.73 23.09 -4.66
N ARG A 292 17.53 22.04 -3.86
CA ARG A 292 18.48 20.94 -3.82
C ARG A 292 18.65 20.31 -5.19
N HIS A 293 17.59 20.27 -6.00
CA HIS A 293 17.70 19.66 -7.31
C HIS A 293 18.67 20.43 -8.20
N MET A 294 18.58 21.77 -8.17
CA MET A 294 19.55 22.59 -8.88
C MET A 294 20.95 22.42 -8.27
N GLY A 295 21.10 22.79 -7.00
CA GLY A 295 22.37 22.61 -6.33
C GLY A 295 22.64 23.66 -5.26
N LEU A 296 21.66 24.52 -5.01
CA LEU A 296 21.80 25.56 -3.98
C LEU A 296 21.48 24.94 -2.62
N PHE A 297 22.37 24.02 -2.22
CA PHE A 297 22.14 23.19 -1.03
C PHE A 297 22.00 24.03 0.23
N ASP A 298 22.87 25.03 0.40
CA ASP A 298 22.90 25.78 1.66
C ASP A 298 21.63 26.60 1.86
N HIS A 299 21.15 27.24 0.79
CA HIS A 299 19.85 27.92 0.87
C HIS A 299 18.75 26.94 1.23
N ALA A 300 18.76 25.75 0.61
CA ALA A 300 17.81 24.71 0.96
C ALA A 300 17.94 24.32 2.44
N ALA A 301 19.17 24.06 2.89
CA ALA A 301 19.39 23.63 4.26
C ALA A 301 18.88 24.65 5.26
N ARG A 302 19.08 25.95 4.97
CA ARG A 302 18.70 26.99 5.92
C ARG A 302 17.18 27.21 5.93
N ILE A 303 16.57 27.26 4.76
CA ILE A 303 15.11 27.39 4.70
C ILE A 303 14.46 26.19 5.40
N GLU A 304 14.90 24.99 5.04
CA GLU A 304 14.39 23.78 5.70
C GLU A 304 14.52 23.89 7.21
N ALA A 305 15.72 24.25 7.69
CA ALA A 305 15.97 24.31 9.12
C ALA A 305 15.09 25.34 9.80
N ALA A 306 14.88 26.49 9.15
CA ALA A 306 14.03 27.52 9.70
C ALA A 306 12.57 27.06 9.74
N CYS A 307 12.17 26.24 8.77
CA CYS A 307 10.84 25.65 8.82
C CYS A 307 10.73 24.62 9.95
N PHE A 308 11.65 23.65 9.99
CA PHE A 308 11.61 22.61 11.02
C PHE A 308 11.66 23.22 12.42
N ALA A 309 12.52 24.23 12.62
CA ALA A 309 12.60 24.88 13.93
C ALA A 309 11.30 25.59 14.27
N THR A 310 10.61 26.15 13.26
CA THR A 310 9.35 26.85 13.52
C THR A 310 8.29 25.88 14.06
N ILE A 311 8.12 24.74 13.39
CA ILE A 311 7.14 23.74 13.83
C ILE A 311 7.57 23.12 15.16
N LYS A 312 8.86 22.83 15.32
CA LYS A 312 9.34 22.33 16.61
C LYS A 312 9.02 23.32 17.71
N ASP A 313 9.24 24.61 17.48
CA ASP A 313 8.99 25.60 18.50
C ASP A 313 7.52 25.60 18.95
N GLY A 314 6.60 25.26 18.05
CA GLY A 314 5.20 25.17 18.40
C GLY A 314 4.52 26.49 18.74
N LYS A 315 5.20 27.62 18.63
CA LYS A 315 4.56 28.88 18.96
C LYS A 315 3.68 29.38 17.81
N SER A 316 4.05 29.08 16.58
CA SER A 316 3.43 29.66 15.40
C SER A 316 2.77 28.59 14.54
N LEU A 317 2.09 27.62 15.16
CA LEU A 317 1.50 26.52 14.41
C LEU A 317 0.20 26.96 13.76
N THR A 318 0.09 26.72 12.45
CA THR A 318 -1.17 26.95 11.73
C THR A 318 -2.26 26.03 12.27
N LYS A 319 -3.51 26.38 11.97
CA LYS A 319 -4.61 25.66 12.61
C LYS A 319 -4.72 24.22 12.15
N ASP A 320 -4.15 23.86 10.99
CA ASP A 320 -4.14 22.47 10.56
C ASP A 320 -3.05 21.65 11.25
N LEU A 321 -2.04 22.29 11.81
CA LEU A 321 -0.96 21.59 12.51
C LEU A 321 -1.09 21.67 14.03
N GLY A 322 -2.19 22.20 14.55
CA GLY A 322 -2.38 22.29 15.99
C GLY A 322 -2.85 23.65 16.49
N GLY A 323 -1.95 24.63 16.56
CA GLY A 323 -2.25 25.92 17.18
C GLY A 323 -3.10 26.83 16.31
N ASN A 324 -3.48 27.96 16.89
CA ASN A 324 -4.37 28.91 16.21
C ASN A 324 -3.62 30.13 15.69
N ALA A 325 -2.58 29.93 14.89
CA ALA A 325 -1.80 31.01 14.30
C ALA A 325 -2.19 31.20 12.84
N LYS A 326 -2.26 32.47 12.40
CA LYS A 326 -2.56 32.78 11.02
C LYS A 326 -1.41 32.36 10.10
N CYS A 327 -1.69 32.37 8.79
CA CYS A 327 -0.69 31.87 7.83
C CYS A 327 0.52 32.80 7.74
N SER A 328 0.32 34.10 7.86
CA SER A 328 1.44 35.02 7.67
C SER A 328 2.30 35.15 8.93
N ASP A 329 1.69 35.01 10.10
CA ASP A 329 2.47 34.88 11.33
C ASP A 329 3.37 33.64 11.26
N PHE A 330 2.88 32.55 10.66
CA PHE A 330 3.71 31.38 10.42
C PHE A 330 4.84 31.70 9.45
N THR A 331 4.50 32.37 8.34
CA THR A 331 5.51 32.69 7.34
C THR A 331 6.57 33.63 7.91
N GLU A 332 6.16 34.59 8.75
CA GLU A 332 7.08 35.58 9.27
C GLU A 332 8.11 34.95 10.19
N GLU A 333 7.69 34.02 11.05
CA GLU A 333 8.61 33.38 11.97
C GLU A 333 9.71 32.64 11.22
N ILE A 334 9.36 31.97 10.12
CA ILE A 334 10.40 31.35 9.30
C ILE A 334 11.34 32.41 8.77
N CYS A 335 10.73 33.56 8.47
CA CYS A 335 11.48 34.71 7.92
C CYS A 335 12.50 35.14 8.96
N ARG A 336 12.03 35.40 10.17
CA ARG A 336 12.93 35.82 11.27
C ARG A 336 14.03 34.76 11.44
N ARG A 337 13.64 33.51 11.66
CA ARG A 337 14.63 32.43 11.95
C ARG A 337 15.58 32.16 10.78
N VAL A 338 15.19 32.42 9.54
CA VAL A 338 16.14 32.09 8.43
C VAL A 338 17.12 33.25 8.22
N LYS A 339 16.80 34.41 8.79
CA LYS A 339 17.69 35.60 8.68
C LYS A 339 18.80 35.45 9.73
N ASP A 340 18.48 34.82 10.86
CA ASP A 340 19.41 34.66 12.00
C ASP A 340 20.21 33.37 11.90
N LEU A 341 20.25 32.74 10.74
CA LEU A 341 20.99 31.45 10.64
C LEU A 341 22.04 31.56 9.54
N ASP A 342 23.22 31.01 9.80
CA ASP A 342 24.33 31.07 8.81
C ASP A 342 24.11 30.03 7.72
N ARG B 18 -16.99 -37.68 12.97
CA ARG B 18 -15.62 -37.25 12.67
C ARG B 18 -15.47 -36.74 11.24
N HIS B 19 -14.85 -35.57 11.08
CA HIS B 19 -14.70 -34.94 9.78
C HIS B 19 -13.31 -35.18 9.23
N THR B 20 -13.21 -35.40 7.92
CA THR B 20 -11.93 -35.47 7.25
C THR B 20 -11.66 -34.15 6.54
N VAL B 21 -10.52 -33.55 6.85
CA VAL B 21 -10.14 -32.23 6.38
C VAL B 21 -8.83 -32.36 5.62
N THR B 22 -8.75 -31.72 4.47
CA THR B 22 -7.45 -31.66 3.79
C THR B 22 -6.52 -30.71 4.51
N MET B 23 -5.27 -31.13 4.67
CA MET B 23 -4.21 -30.31 5.26
C MET B 23 -3.08 -30.22 4.25
N ILE B 24 -2.74 -29.00 3.84
CA ILE B 24 -1.60 -28.74 2.97
C ILE B 24 -0.53 -28.04 3.79
N PRO B 25 0.55 -28.74 4.18
CA PRO B 25 1.53 -28.11 5.10
C PRO B 25 2.14 -26.84 4.56
N GLY B 26 2.45 -26.80 3.28
CA GLY B 26 3.07 -25.64 2.71
C GLY B 26 4.56 -25.58 3.03
N ASP B 27 5.14 -24.41 2.77
CA ASP B 27 6.58 -24.20 2.89
C ASP B 27 6.89 -23.34 4.11
N GLY B 28 8.18 -23.14 4.36
CA GLY B 28 8.59 -22.32 5.48
C GLY B 28 8.07 -22.85 6.79
N ILE B 29 7.41 -21.99 7.56
CA ILE B 29 6.88 -22.34 8.88
C ILE B 29 5.60 -23.17 8.83
N GLY B 30 5.09 -23.47 7.62
CA GLY B 30 3.88 -24.22 7.50
C GLY B 30 3.94 -25.56 8.22
N PRO B 31 4.87 -26.43 7.82
CA PRO B 31 4.92 -27.76 8.46
C PRO B 31 5.00 -27.70 9.98
N GLU B 32 5.89 -26.88 10.55
CA GLU B 32 6.04 -26.89 12.00
C GLU B 32 4.77 -26.43 12.70
N LEU B 33 4.07 -25.44 12.12
CA LEU B 33 2.86 -24.94 12.76
C LEU B 33 1.71 -25.94 12.62
N MET B 34 1.65 -26.66 11.49
CA MET B 34 0.67 -27.75 11.36
C MET B 34 0.86 -28.83 12.45
N LEU B 35 2.11 -29.11 12.85
CA LEU B 35 2.27 -30.10 13.92
C LEU B 35 1.63 -29.60 15.22
N HIS B 36 1.71 -28.30 15.47
CA HIS B 36 1.13 -27.77 16.69
C HIS B 36 -0.40 -27.74 16.63
N VAL B 37 -0.97 -27.49 15.44
CA VAL B 37 -2.41 -27.63 15.28
C VAL B 37 -2.84 -29.04 15.64
N LYS B 38 -2.09 -30.05 15.19
CA LYS B 38 -2.41 -31.43 15.53
C LYS B 38 -2.33 -31.66 17.04
N SER B 39 -1.29 -31.15 17.69
CA SER B 39 -1.16 -31.34 19.13
C SER B 39 -2.35 -30.73 19.85
N VAL B 40 -2.71 -29.50 19.48
CA VAL B 40 -3.84 -28.82 20.10
C VAL B 40 -5.13 -29.59 19.84
N PHE B 41 -5.33 -30.04 18.60
CA PHE B 41 -6.53 -30.79 18.28
C PHE B 41 -6.61 -32.09 19.07
N ARG B 42 -5.48 -32.81 19.18
CA ARG B 42 -5.45 -34.03 20.00
C ARG B 42 -5.84 -33.75 21.43
N HIS B 43 -5.17 -32.78 22.06
CA HIS B 43 -5.44 -32.52 23.47
C HIS B 43 -6.89 -32.11 23.68
N ALA B 44 -7.46 -31.34 22.74
CA ALA B 44 -8.85 -30.94 22.80
C ALA B 44 -9.82 -32.04 22.37
N CYS B 45 -9.31 -33.19 21.93
CA CYS B 45 -10.15 -34.27 21.41
C CYS B 45 -11.09 -33.75 20.33
N VAL B 46 -10.55 -32.98 19.40
CA VAL B 46 -11.36 -32.50 18.27
C VAL B 46 -11.68 -33.69 17.36
N PRO B 47 -12.95 -33.90 16.99
CA PRO B 47 -13.29 -35.01 16.09
C PRO B 47 -12.96 -34.69 14.64
N VAL B 48 -11.68 -34.49 14.34
CA VAL B 48 -11.23 -34.11 13.02
C VAL B 48 -9.99 -34.93 12.69
N ASP B 49 -9.96 -35.54 11.51
CA ASP B 49 -8.78 -36.21 10.99
C ASP B 49 -8.25 -35.43 9.79
N PHE B 50 -6.97 -35.08 9.85
CA PHE B 50 -6.31 -34.37 8.75
C PHE B 50 -5.77 -35.36 7.74
N GLU B 51 -6.10 -35.12 6.47
CA GLU B 51 -5.59 -35.91 5.36
C GLU B 51 -4.61 -35.04 4.58
N GLU B 52 -3.32 -35.37 4.67
CA GLU B 52 -2.26 -34.47 4.22
C GLU B 52 -1.93 -34.66 2.75
N VAL B 53 -1.80 -33.54 2.04
CA VAL B 53 -1.34 -33.50 0.66
C VAL B 53 -0.17 -32.54 0.60
N HIS B 54 0.87 -32.89 -0.11
CA HIS B 54 2.01 -32.00 -0.23
C HIS B 54 2.08 -31.43 -1.63
N VAL B 55 2.66 -30.24 -1.75
CA VAL B 55 2.83 -29.55 -3.02
C VAL B 55 4.31 -29.18 -3.12
N SER B 56 5.02 -29.83 -4.04
CA SER B 56 6.43 -29.55 -4.22
C SER B 56 6.62 -28.24 -4.96
N SER B 57 7.87 -27.92 -5.27
CA SER B 57 8.22 -26.80 -6.13
C SER B 57 8.25 -27.19 -7.60
N ASN B 58 7.79 -28.39 -7.94
CA ASN B 58 7.88 -28.89 -9.29
C ASN B 58 7.05 -28.06 -10.26
N ALA B 59 7.64 -27.76 -11.41
CA ALA B 59 6.91 -27.10 -12.49
C ALA B 59 5.66 -27.87 -12.89
N ASP B 60 5.72 -29.18 -12.71
CA ASP B 60 4.55 -30.04 -13.04
C ASP B 60 3.43 -29.73 -12.05
N GLU B 61 2.20 -29.61 -12.55
CA GLU B 61 1.03 -29.27 -11.71
C GLU B 61 0.41 -30.52 -11.12
N GLU B 62 1.08 -31.67 -11.22
CA GLU B 62 0.50 -32.92 -10.67
C GLU B 62 0.15 -32.70 -9.19
N ASP B 63 1.10 -32.19 -8.42
CA ASP B 63 0.86 -31.97 -6.98
C ASP B 63 -0.34 -31.04 -6.75
N ILE B 64 -0.28 -29.82 -7.27
CA ILE B 64 -1.36 -28.82 -7.05
C ILE B 64 -2.69 -29.38 -7.54
N ARG B 65 -2.64 -30.19 -8.58
CA ARG B 65 -3.88 -30.76 -9.16
C ARG B 65 -4.47 -31.78 -8.20
N ASN B 66 -3.66 -32.59 -7.53
CA ASN B 66 -4.25 -33.58 -6.59
C ASN B 66 -4.74 -32.90 -5.31
N ALA B 67 -4.13 -31.78 -4.94
CA ALA B 67 -4.59 -31.07 -3.74
C ALA B 67 -5.99 -30.54 -4.03
N ILE B 68 -6.23 -30.09 -5.27
CA ILE B 68 -7.56 -29.58 -5.63
C ILE B 68 -8.57 -30.71 -5.51
N MET B 69 -8.27 -31.85 -6.11
CA MET B 69 -9.19 -33.00 -6.07
C MET B 69 -9.44 -33.38 -4.61
N ALA B 70 -8.43 -33.30 -3.75
CA ALA B 70 -8.66 -33.66 -2.33
C ALA B 70 -9.59 -32.63 -1.67
N ILE B 71 -9.49 -31.37 -2.03
CA ILE B 71 -10.40 -30.37 -1.39
C ILE B 71 -11.80 -30.55 -1.96
N ARG B 72 -11.90 -30.83 -3.25
CA ARG B 72 -13.23 -31.07 -3.84
C ARG B 72 -13.90 -32.20 -3.05
N ARG B 73 -13.12 -33.18 -2.59
CA ARG B 73 -13.66 -34.34 -1.84
C ARG B 73 -13.98 -33.99 -0.38
N ASN B 74 -13.06 -33.36 0.35
CA ASN B 74 -13.27 -33.07 1.78
C ASN B 74 -14.06 -31.77 1.97
N ARG B 75 -13.97 -30.88 0.99
CA ARG B 75 -14.72 -29.62 0.96
C ARG B 75 -14.15 -28.56 1.89
N VAL B 76 -13.30 -28.98 2.84
CA VAL B 76 -12.69 -28.10 3.82
C VAL B 76 -11.21 -28.38 3.88
N ALA B 77 -10.39 -27.32 3.93
CA ALA B 77 -8.95 -27.50 4.05
C ALA B 77 -8.35 -26.45 4.98
N LEU B 78 -7.19 -26.81 5.53
CA LEU B 78 -6.29 -25.90 6.22
C LEU B 78 -4.93 -25.98 5.52
N LYS B 79 -4.34 -24.82 5.20
CA LYS B 79 -3.12 -24.82 4.40
C LYS B 79 -2.14 -23.79 4.92
N GLY B 80 -0.85 -24.13 4.82
CA GLY B 80 0.21 -23.15 4.88
C GLY B 80 0.38 -22.47 3.53
N ASN B 81 1.37 -21.59 3.44
CA ASN B 81 1.63 -20.89 2.19
C ASN B 81 2.62 -21.70 1.35
N ILE B 82 2.31 -21.84 0.08
CA ILE B 82 3.23 -22.48 -0.85
C ILE B 82 4.10 -21.38 -1.45
N GLU B 83 5.41 -21.55 -1.37
CA GLU B 83 6.31 -20.54 -1.89
C GLU B 83 6.14 -20.38 -3.40
N THR B 84 6.21 -19.15 -3.88
CA THR B 84 6.23 -18.88 -5.32
C THR B 84 7.60 -18.35 -5.71
N ASN B 85 8.26 -19.04 -6.63
CA ASN B 85 9.58 -18.62 -7.09
C ASN B 85 9.35 -17.72 -8.29
N HIS B 86 9.50 -16.42 -8.09
CA HIS B 86 9.23 -15.44 -9.13
C HIS B 86 10.39 -15.26 -10.09
N ASN B 87 11.43 -16.12 -10.03
CA ASN B 87 12.44 -16.13 -11.08
C ASN B 87 12.15 -17.17 -12.14
N LEU B 88 11.19 -18.04 -11.90
CA LEU B 88 10.77 -19.06 -12.85
C LEU B 88 9.93 -18.44 -13.97
N PRO B 89 9.83 -19.11 -15.11
CA PRO B 89 9.09 -18.52 -16.24
C PRO B 89 7.62 -18.36 -15.94
N PRO B 90 6.95 -17.42 -16.63
CA PRO B 90 5.52 -17.17 -16.38
C PRO B 90 4.64 -18.39 -16.49
N SER B 91 5.03 -19.38 -17.31
CA SER B 91 4.29 -20.63 -17.34
C SER B 91 4.21 -21.29 -15.97
N HIS B 92 5.16 -20.99 -15.08
CA HIS B 92 5.14 -21.53 -13.71
C HIS B 92 4.36 -20.58 -12.82
N LYS B 93 3.10 -20.92 -12.56
CA LYS B 93 2.18 -20.01 -11.90
C LYS B 93 2.16 -20.28 -10.40
N SER B 94 1.78 -19.25 -9.64
CA SER B 94 1.64 -19.43 -8.20
C SER B 94 0.68 -20.57 -7.90
N ARG B 95 1.16 -21.54 -7.14
CA ARG B 95 0.32 -22.65 -6.71
C ARG B 95 -0.81 -22.20 -5.81
N ASN B 96 -0.58 -21.19 -4.95
CA ASN B 96 -1.68 -20.68 -4.13
C ASN B 96 -2.78 -20.08 -4.99
N ASN B 97 -2.41 -19.29 -6.01
CA ASN B 97 -3.40 -18.69 -6.88
C ASN B 97 -4.16 -19.76 -7.66
N ILE B 98 -3.42 -20.72 -8.23
CA ILE B 98 -4.03 -21.83 -8.97
C ILE B 98 -5.14 -22.47 -8.14
N LEU B 99 -4.83 -22.77 -6.88
CA LEU B 99 -5.78 -23.47 -6.02
C LEU B 99 -7.01 -22.61 -5.72
N ARG B 100 -6.77 -21.35 -5.33
CA ARG B 100 -7.82 -20.36 -5.13
C ARG B 100 -8.77 -20.31 -6.30
N THR B 101 -8.21 -20.17 -7.50
CA THR B 101 -9.01 -19.96 -8.69
C THR B 101 -9.71 -21.25 -9.12
N SER B 102 -9.00 -22.37 -9.08
CA SER B 102 -9.58 -23.65 -9.50
C SER B 102 -10.78 -24.00 -8.65
N LEU B 103 -10.69 -23.80 -7.34
CA LEU B 103 -11.83 -24.11 -6.47
C LEU B 103 -12.84 -22.97 -6.42
N ASP B 104 -12.56 -21.85 -7.10
CA ASP B 104 -13.48 -20.69 -7.14
C ASP B 104 -13.84 -20.22 -5.73
N LEU B 105 -12.82 -20.05 -4.88
CA LEU B 105 -13.02 -19.57 -3.51
C LEU B 105 -13.00 -18.05 -3.58
N TYR B 106 -14.15 -17.48 -3.96
CA TYR B 106 -14.18 -16.10 -4.49
C TYR B 106 -14.05 -15.03 -3.42
N ALA B 107 -14.28 -15.37 -2.14
CA ALA B 107 -14.20 -14.42 -1.03
C ALA B 107 -13.00 -14.75 -0.11
N ASN B 108 -12.03 -13.86 -0.07
CA ASN B 108 -11.00 -13.85 0.96
C ASN B 108 -11.48 -12.92 2.07
N VAL B 109 -11.58 -13.44 3.29
CA VAL B 109 -12.17 -12.71 4.42
C VAL B 109 -11.19 -12.75 5.58
N ILE B 110 -10.81 -11.57 6.10
CA ILE B 110 -9.97 -11.51 7.29
C ILE B 110 -10.55 -10.48 8.24
N HIS B 111 -10.30 -10.69 9.53
CA HIS B 111 -10.85 -9.86 10.60
C HIS B 111 -9.70 -9.31 11.43
N CYS B 112 -9.39 -8.04 11.27
CA CYS B 112 -8.29 -7.42 11.99
C CYS B 112 -8.86 -6.64 13.17
N LYS B 113 -8.55 -7.07 14.37
CA LYS B 113 -9.12 -6.48 15.58
C LYS B 113 -8.01 -6.28 16.59
N SER B 114 -8.03 -5.13 17.27
CA SER B 114 -7.03 -4.84 18.28
C SER B 114 -7.04 -5.90 19.37
N LEU B 115 -5.87 -6.39 19.73
CA LEU B 115 -5.73 -7.28 20.87
C LEU B 115 -5.24 -6.47 22.06
N PRO B 116 -5.99 -6.43 23.16
CA PRO B 116 -5.55 -5.63 24.32
C PRO B 116 -4.17 -6.02 24.86
N GLY B 117 -3.72 -7.26 24.66
CA GLY B 117 -2.40 -7.67 25.10
C GLY B 117 -1.30 -7.42 24.11
N VAL B 118 -1.62 -6.97 22.90
CA VAL B 118 -0.62 -6.64 21.90
C VAL B 118 -0.81 -5.16 21.63
N VAL B 119 -0.01 -4.33 22.27
CA VAL B 119 -0.18 -2.88 22.17
C VAL B 119 0.63 -2.38 20.97
N THR B 120 -0.03 -1.69 20.06
CA THR B 120 0.61 -1.15 18.85
C THR B 120 0.35 0.35 18.82
N ARG B 121 0.61 1.01 17.70
CA ARG B 121 0.40 2.46 17.58
C ARG B 121 -1.08 2.82 17.51
N HIS B 122 -1.96 1.86 17.31
CA HIS B 122 -3.40 2.21 17.22
C HIS B 122 -4.21 1.21 17.99
N LYS B 123 -5.30 1.65 18.57
CA LYS B 123 -6.16 0.70 19.29
C LYS B 123 -7.58 0.89 18.78
N ASP B 124 -8.50 0.08 19.24
CA ASP B 124 -9.92 0.19 18.82
C ASP B 124 -10.07 -0.10 17.32
N ILE B 125 -9.22 -0.93 16.74
CA ILE B 125 -9.38 -1.29 15.31
C ILE B 125 -10.26 -2.53 15.25
N ASP B 126 -11.27 -2.56 14.39
CA ASP B 126 -12.14 -3.74 14.27
C ASP B 126 -12.66 -3.76 12.84
N ILE B 127 -11.90 -4.38 11.94
CA ILE B 127 -12.12 -4.27 10.50
C ILE B 127 -12.32 -5.65 9.91
N LEU B 128 -13.42 -5.80 9.17
CA LEU B 128 -13.67 -6.98 8.34
C LEU B 128 -13.36 -6.62 6.89
N ILE B 129 -12.40 -7.33 6.29
CA ILE B 129 -12.01 -7.08 4.91
C ILE B 129 -12.50 -8.24 4.04
N VAL B 130 -13.31 -7.91 3.03
CA VAL B 130 -13.85 -8.89 2.09
C VAL B 130 -13.20 -8.60 0.74
N ARG B 131 -12.37 -9.53 0.27
CA ARG B 131 -11.55 -9.30 -0.92
C ARG B 131 -11.94 -10.29 -2.01
N GLU B 132 -12.22 -9.78 -3.20
CA GLU B 132 -12.47 -10.63 -4.36
C GLU B 132 -11.21 -11.43 -4.63
N ASN B 133 -11.37 -12.75 -4.76
CA ASN B 133 -10.26 -13.67 -4.54
C ASN B 133 -9.91 -14.50 -5.78
N THR B 134 -10.50 -14.20 -6.94
CA THR B 134 -10.28 -15.01 -8.15
C THR B 134 -10.01 -14.22 -9.41
N GLU B 135 -10.20 -12.90 -9.43
CA GLU B 135 -10.24 -12.04 -10.61
C GLU B 135 -9.19 -10.95 -10.53
N GLY B 136 -9.39 -9.89 -11.30
CA GLY B 136 -8.57 -8.70 -11.18
C GLY B 136 -7.19 -8.88 -11.73
N GLU B 137 -6.23 -8.30 -11.02
CA GLU B 137 -4.80 -8.36 -11.30
C GLU B 137 -4.22 -9.77 -11.19
N TYR B 138 -5.00 -10.74 -10.73
CA TYR B 138 -4.51 -12.08 -10.48
C TYR B 138 -4.91 -13.06 -11.57
N SER B 139 -5.38 -12.58 -12.73
CA SER B 139 -5.94 -13.45 -13.76
C SER B 139 -4.89 -14.19 -14.57
N SER B 140 -3.61 -13.90 -14.39
CA SER B 140 -2.51 -14.60 -15.07
C SER B 140 -2.62 -14.51 -16.60
N LEU B 141 -2.88 -13.31 -17.09
CA LEU B 141 -3.01 -13.06 -18.53
C LEU B 141 -2.00 -11.99 -18.92
N GLU B 142 -0.92 -12.41 -19.56
CA GLU B 142 0.12 -11.50 -19.99
C GLU B 142 0.69 -11.99 -21.31
N HIS B 143 1.34 -11.07 -22.00
CA HIS B 143 1.98 -11.40 -23.27
C HIS B 143 2.96 -10.30 -23.61
N GLU B 144 3.85 -10.61 -24.55
CA GLU B 144 4.85 -9.69 -25.06
C GLU B 144 4.61 -9.58 -26.56
N SER B 145 3.89 -8.53 -26.98
CA SER B 145 3.59 -8.35 -28.39
C SER B 145 4.86 -8.15 -29.19
N VAL B 146 5.70 -7.20 -28.77
CA VAL B 146 7.03 -7.00 -29.32
C VAL B 146 8.02 -7.00 -28.17
N ALA B 147 9.29 -7.27 -28.50
CA ALA B 147 10.31 -7.46 -27.48
C ALA B 147 10.43 -6.23 -26.59
N GLY B 148 10.35 -6.44 -25.28
CA GLY B 148 10.45 -5.35 -24.33
C GLY B 148 9.16 -4.61 -24.06
N VAL B 149 8.02 -5.10 -24.54
CA VAL B 149 6.72 -4.47 -24.35
C VAL B 149 5.77 -5.54 -23.82
N VAL B 150 5.40 -5.45 -22.55
CA VAL B 150 4.64 -6.50 -21.88
C VAL B 150 3.30 -5.93 -21.44
N GLU B 151 2.23 -6.66 -21.72
CA GLU B 151 0.89 -6.30 -21.29
C GLU B 151 0.38 -7.36 -20.32
N SER B 152 -0.15 -6.90 -19.19
CA SER B 152 -0.86 -7.75 -18.25
C SER B 152 -2.33 -7.34 -18.23
N LEU B 153 -3.24 -8.32 -18.27
CA LEU B 153 -4.68 -8.08 -18.42
C LEU B 153 -5.40 -8.25 -17.09
N LYS B 154 -5.71 -7.14 -16.43
CA LYS B 154 -6.59 -7.17 -15.27
C LYS B 154 -8.04 -7.33 -15.74
N ILE B 155 -8.72 -8.37 -15.26
CA ILE B 155 -10.08 -8.69 -15.66
C ILE B 155 -11.00 -8.41 -14.49
N ILE B 156 -12.03 -7.58 -14.72
CA ILE B 156 -13.09 -7.36 -13.74
C ILE B 156 -14.41 -7.72 -14.41
N THR B 157 -15.22 -8.53 -13.76
CA THR B 157 -16.50 -8.92 -14.33
C THR B 157 -17.65 -8.54 -13.41
N LYS B 158 -18.81 -8.33 -14.03
CA LYS B 158 -20.02 -8.04 -13.28
C LYS B 158 -20.41 -9.20 -12.37
N ALA B 159 -20.36 -10.44 -12.88
CA ALA B 159 -20.78 -11.58 -12.07
C ALA B 159 -19.92 -11.73 -10.82
N LYS B 160 -18.61 -11.54 -10.95
CA LYS B 160 -17.76 -11.74 -9.79
C LYS B 160 -17.80 -10.55 -8.85
N SER B 161 -18.02 -9.34 -9.39
CA SER B 161 -18.11 -8.18 -8.51
C SER B 161 -19.43 -8.16 -7.76
N LEU B 162 -20.54 -8.48 -8.44
CA LEU B 162 -21.80 -8.68 -7.71
C LEU B 162 -21.61 -9.72 -6.60
N ARG B 163 -21.02 -10.86 -6.94
CA ARG B 163 -20.86 -11.94 -5.98
C ARG B 163 -20.13 -11.48 -4.72
N ILE B 164 -19.02 -10.77 -4.89
CA ILE B 164 -18.24 -10.40 -3.71
C ILE B 164 -18.96 -9.32 -2.92
N ALA B 165 -19.67 -8.42 -3.61
CA ALA B 165 -20.43 -7.38 -2.93
C ALA B 165 -21.60 -7.97 -2.16
N GLU B 166 -22.32 -8.94 -2.76
CA GLU B 166 -23.36 -9.66 -2.02
C GLU B 166 -22.79 -10.26 -0.76
N TYR B 167 -21.61 -10.88 -0.86
CA TYR B 167 -21.00 -11.50 0.31
C TYR B 167 -20.70 -10.47 1.39
N ALA B 168 -20.08 -9.35 1.01
CA ALA B 168 -19.70 -8.35 2.01
C ALA B 168 -20.93 -7.77 2.71
N PHE B 169 -22.01 -7.49 1.98
CA PHE B 169 -23.19 -6.90 2.63
C PHE B 169 -23.91 -7.92 3.50
N LYS B 170 -23.99 -9.19 3.07
CA LYS B 170 -24.58 -10.22 3.90
C LYS B 170 -23.79 -10.39 5.19
N LEU B 171 -22.46 -10.42 5.07
CA LEU B 171 -21.61 -10.50 6.25
C LEU B 171 -21.82 -9.28 7.15
N ALA B 172 -21.88 -8.08 6.56
CA ALA B 172 -22.12 -6.88 7.36
C ALA B 172 -23.43 -7.00 8.12
N GLN B 173 -24.49 -7.45 7.45
CA GLN B 173 -25.79 -7.53 8.09
C GLN B 173 -25.81 -8.61 9.17
N GLU B 174 -25.22 -9.76 8.88
CA GLU B 174 -25.34 -10.90 9.79
C GLU B 174 -24.49 -10.74 11.02
N SER B 175 -23.38 -10.03 10.93
CA SER B 175 -22.56 -9.85 12.11
C SER B 175 -22.86 -8.53 12.79
N GLY B 176 -23.96 -7.88 12.43
CA GLY B 176 -24.36 -6.64 13.06
C GLY B 176 -23.47 -5.45 12.79
N ARG B 177 -22.78 -5.40 11.66
CA ARG B 177 -22.01 -4.22 11.35
C ARG B 177 -22.89 -3.17 10.68
N LYS B 178 -22.31 -2.00 10.40
CA LYS B 178 -23.09 -0.83 10.08
C LYS B 178 -22.70 -0.20 8.74
N LYS B 179 -21.43 -0.30 8.36
CA LYS B 179 -20.92 0.39 7.18
C LYS B 179 -20.10 -0.57 6.32
N VAL B 180 -20.30 -0.46 5.00
CA VAL B 180 -19.49 -1.11 3.99
C VAL B 180 -18.83 -0.03 3.15
N THR B 181 -17.51 -0.09 3.06
CA THR B 181 -16.71 0.84 2.26
C THR B 181 -16.10 0.05 1.10
N ALA B 182 -16.49 0.41 -0.12
CA ALA B 182 -15.86 -0.16 -1.31
C ALA B 182 -14.57 0.59 -1.63
N VAL B 183 -13.48 -0.15 -1.79
CA VAL B 183 -12.16 0.42 -2.04
C VAL B 183 -11.81 0.15 -3.49
N HIS B 184 -11.33 1.19 -4.20
CA HIS B 184 -11.29 1.14 -5.66
C HIS B 184 -10.32 2.19 -6.20
N LYS B 185 -10.03 2.10 -7.51
CA LYS B 185 -9.32 3.16 -8.24
C LYS B 185 -10.12 3.60 -9.49
N ALA B 186 -11.44 3.81 -9.34
CA ALA B 186 -12.31 4.05 -10.49
C ALA B 186 -12.10 5.40 -11.15
N ASN B 187 -11.35 6.28 -10.51
CA ASN B 187 -11.04 7.61 -11.05
C ASN B 187 -10.04 7.43 -12.19
N ILE B 188 -9.20 6.40 -12.12
CA ILE B 188 -8.19 6.13 -13.17
C ILE B 188 -8.60 4.95 -14.03
N MET B 189 -9.05 3.87 -13.41
CA MET B 189 -9.53 2.69 -14.18
C MET B 189 -11.04 2.83 -14.26
N LYS B 190 -11.50 3.78 -15.03
CA LYS B 190 -12.94 4.10 -15.10
C LYS B 190 -13.80 2.88 -15.48
N LEU B 191 -13.41 2.10 -16.47
CA LEU B 191 -14.28 0.98 -16.86
C LEU B 191 -14.19 -0.22 -15.92
N GLY B 192 -12.99 -0.58 -15.49
CA GLY B 192 -12.84 -1.78 -14.66
C GLY B 192 -13.21 -1.58 -13.20
N ASP B 193 -12.51 -0.67 -12.52
CA ASP B 193 -12.90 -0.39 -11.15
C ASP B 193 -14.28 0.25 -11.09
N GLY B 194 -14.68 0.97 -12.14
CA GLY B 194 -16.03 1.54 -12.17
C GLY B 194 -17.10 0.46 -12.17
N LEU B 195 -16.90 -0.59 -12.96
CA LEU B 195 -17.84 -1.71 -12.93
C LEU B 195 -17.95 -2.32 -11.54
N PHE B 196 -16.80 -2.56 -10.90
CA PHE B 196 -16.78 -3.12 -9.55
C PHE B 196 -17.55 -2.21 -8.60
N LEU B 197 -17.27 -0.90 -8.66
CA LEU B 197 -18.00 0.04 -7.82
C LEU B 197 -19.50 0.00 -8.12
N GLN B 198 -19.88 -0.09 -9.40
CA GLN B 198 -21.31 -0.08 -9.76
C GLN B 198 -22.01 -1.33 -9.23
N CYS B 199 -21.35 -2.48 -9.29
CA CYS B 199 -21.90 -3.71 -8.71
C CYS B 199 -22.11 -3.59 -7.19
N CYS B 200 -21.17 -2.97 -6.48
CA CYS B 200 -21.40 -2.66 -5.06
C CYS B 200 -22.64 -1.82 -4.84
N ARG B 201 -22.85 -0.85 -5.71
CA ARG B 201 -23.98 0.05 -5.57
C ARG B 201 -25.28 -0.68 -5.80
N GLU B 202 -25.31 -1.57 -6.80
CA GLU B 202 -26.50 -2.38 -7.02
C GLU B 202 -26.86 -3.18 -5.78
N VAL B 203 -25.86 -3.80 -5.14
CA VAL B 203 -26.15 -4.58 -3.94
C VAL B 203 -26.55 -3.65 -2.79
N ALA B 204 -25.94 -2.46 -2.71
CA ALA B 204 -26.26 -1.56 -1.63
C ALA B 204 -27.74 -1.20 -1.63
N ALA B 205 -28.36 -1.18 -2.80
CA ALA B 205 -29.77 -0.79 -2.89
C ALA B 205 -30.68 -1.79 -2.19
N ARG B 206 -30.21 -3.02 -2.02
CA ARG B 206 -30.95 -4.05 -1.32
C ARG B 206 -30.59 -4.16 0.14
N TYR B 207 -29.67 -3.34 0.64
CA TYR B 207 -29.32 -3.32 2.05
C TYR B 207 -29.41 -1.89 2.58
N PRO B 208 -30.60 -1.29 2.56
CA PRO B 208 -30.72 0.11 3.00
C PRO B 208 -30.41 0.30 4.47
N GLN B 209 -30.35 -0.76 5.26
CA GLN B 209 -29.98 -0.60 6.65
C GLN B 209 -28.47 -0.46 6.83
N ILE B 210 -27.69 -0.65 5.77
CA ILE B 210 -26.23 -0.57 5.81
C ILE B 210 -25.77 0.70 5.11
N THR B 211 -24.92 1.48 5.76
CA THR B 211 -24.29 2.62 5.12
C THR B 211 -23.29 2.16 4.07
N PHE B 212 -23.44 2.65 2.84
CA PHE B 212 -22.48 2.34 1.79
C PHE B 212 -21.65 3.56 1.45
N GLU B 213 -20.34 3.38 1.50
CA GLU B 213 -19.41 4.44 1.14
C GLU B 213 -18.36 3.85 0.22
N ASN B 214 -17.57 4.72 -0.39
CA ASN B 214 -16.46 4.24 -1.20
C ASN B 214 -15.26 5.13 -0.93
N MET B 215 -14.09 4.64 -1.30
CA MET B 215 -12.85 5.40 -1.06
C MET B 215 -11.76 4.89 -1.98
N ILE B 216 -10.99 5.81 -2.54
CA ILE B 216 -9.88 5.45 -3.45
C ILE B 216 -8.82 4.73 -2.64
N VAL B 217 -8.20 3.71 -3.21
CA VAL B 217 -7.20 2.87 -2.50
C VAL B 217 -6.05 3.69 -1.91
N ASP B 218 -5.56 4.73 -2.59
CA ASP B 218 -4.46 5.56 -2.05
C ASP B 218 -4.90 6.23 -0.74
N ASN B 219 -6.04 6.91 -0.77
CA ASN B 219 -6.57 7.62 0.40
C ASN B 219 -6.86 6.63 1.51
N THR B 220 -7.33 5.44 1.15
CA THR B 220 -7.61 4.38 2.13
C THR B 220 -6.34 4.08 2.94
N THR B 221 -5.21 3.86 2.28
CA THR B 221 -3.99 3.56 3.05
C THR B 221 -3.66 4.73 3.96
N MET B 222 -3.78 5.94 3.46
CA MET B 222 -3.49 7.14 4.28
C MET B 222 -4.42 7.18 5.49
N GLN B 223 -5.68 6.83 5.32
CA GLN B 223 -6.62 6.87 6.46
C GLN B 223 -6.34 5.70 7.42
N LEU B 224 -5.84 4.59 6.91
CA LEU B 224 -5.58 3.42 7.77
C LEU B 224 -4.41 3.71 8.71
N VAL B 225 -3.42 4.45 8.25
CA VAL B 225 -2.25 4.75 9.12
C VAL B 225 -2.51 5.93 10.05
N SER B 226 -3.65 6.58 9.95
CA SER B 226 -3.91 7.71 10.81
C SER B 226 -5.18 7.54 11.63
N ARG B 227 -6.28 7.11 11.01
CA ARG B 227 -7.53 6.89 11.73
C ARG B 227 -8.20 5.61 11.23
N PRO B 228 -7.58 4.45 11.48
CA PRO B 228 -8.17 3.18 11.00
C PRO B 228 -9.47 2.81 11.70
N GLN B 229 -9.81 3.51 12.79
CA GLN B 229 -11.05 3.26 13.51
C GLN B 229 -12.28 3.61 12.67
N GLN B 230 -12.12 4.44 11.64
CA GLN B 230 -13.27 4.85 10.84
C GLN B 230 -13.83 3.71 10.01
N PHE B 231 -13.08 2.61 9.81
CA PHE B 231 -13.49 1.56 8.90
C PHE B 231 -14.20 0.43 9.63
N ASP B 232 -15.13 -0.20 8.92
CA ASP B 232 -16.00 -1.21 9.51
C ASP B 232 -15.85 -2.46 8.65
N VAL B 233 -16.69 -2.60 7.62
CA VAL B 233 -16.49 -3.63 6.59
C VAL B 233 -15.94 -2.97 5.33
N MET B 234 -14.98 -3.63 4.69
CA MET B 234 -14.32 -3.11 3.50
C MET B 234 -14.39 -4.19 2.41
N VAL B 235 -14.85 -3.82 1.21
CA VAL B 235 -14.92 -4.77 0.11
C VAL B 235 -14.17 -4.20 -1.09
N MET B 236 -13.44 -5.05 -1.81
CA MET B 236 -12.54 -4.52 -2.82
C MET B 236 -12.09 -5.66 -3.73
N PRO B 237 -11.59 -5.33 -4.94
CA PRO B 237 -11.06 -6.37 -5.84
C PRO B 237 -9.70 -6.89 -5.37
N ASN B 238 -9.07 -7.74 -6.17
CA ASN B 238 -8.08 -8.68 -5.66
C ASN B 238 -6.82 -7.98 -5.14
N LEU B 239 -6.15 -7.19 -5.99
CA LEU B 239 -4.88 -6.60 -5.56
C LEU B 239 -5.07 -5.58 -4.44
N TYR B 240 -6.14 -4.77 -4.49
CA TYR B 240 -6.33 -3.82 -3.40
C TYR B 240 -6.52 -4.56 -2.09
N GLY B 241 -7.18 -5.72 -2.13
CA GLY B 241 -7.33 -6.52 -0.94
C GLY B 241 -6.01 -7.04 -0.41
N ASN B 242 -5.09 -7.43 -1.30
CA ASN B 242 -3.73 -7.78 -0.90
C ASN B 242 -3.09 -6.66 -0.10
N ILE B 243 -3.25 -5.41 -0.57
CA ILE B 243 -2.62 -4.27 0.09
C ILE B 243 -3.30 -3.99 1.43
N VAL B 244 -4.63 -3.91 1.42
CA VAL B 244 -5.33 -3.51 2.63
C VAL B 244 -5.24 -4.60 3.71
N ASN B 245 -5.27 -5.88 3.30
CA ASN B 245 -5.09 -6.99 4.25
C ASN B 245 -3.78 -6.84 5.02
N ASN B 246 -2.70 -6.57 4.29
CA ASN B 246 -1.39 -6.50 4.92
C ASN B 246 -1.22 -5.22 5.73
N VAL B 247 -1.77 -4.09 5.28
CA VAL B 247 -1.74 -2.88 6.11
C VAL B 247 -2.47 -3.12 7.42
N CYS B 248 -3.67 -3.70 7.33
CA CYS B 248 -4.49 -3.87 8.54
C CYS B 248 -3.89 -4.91 9.47
N ALA B 249 -3.32 -5.98 8.91
CA ALA B 249 -2.67 -6.97 9.74
C ALA B 249 -1.49 -6.35 10.48
N GLY B 250 -0.68 -5.58 9.77
CA GLY B 250 0.43 -4.90 10.43
C GLY B 250 -0.02 -3.97 11.53
N LEU B 251 -1.13 -3.25 11.30
CA LEU B 251 -1.60 -2.28 12.29
C LEU B 251 -1.96 -2.94 13.62
N VAL B 252 -2.47 -4.18 13.60
CA VAL B 252 -2.93 -4.81 14.82
C VAL B 252 -1.87 -5.72 15.44
N GLY B 253 -0.68 -5.77 14.85
CA GLY B 253 0.43 -6.44 15.48
C GLY B 253 1.26 -7.34 14.59
N GLY B 254 0.84 -7.57 13.35
CA GLY B 254 1.69 -8.27 12.41
C GLY B 254 1.15 -9.59 11.90
N PRO B 255 1.95 -10.26 11.07
CA PRO B 255 1.49 -11.47 10.37
C PRO B 255 1.30 -12.69 11.28
N GLY B 256 1.79 -12.66 12.51
CA GLY B 256 1.63 -13.81 13.36
C GLY B 256 0.29 -13.92 14.04
N LEU B 257 -0.63 -12.96 13.83
CA LEU B 257 -1.83 -12.83 14.65
C LEU B 257 -3.15 -13.11 13.93
N VAL B 258 -3.27 -12.79 12.64
CA VAL B 258 -4.57 -12.70 11.96
C VAL B 258 -4.79 -13.93 11.08
N ALA B 259 -5.96 -14.57 11.25
CA ALA B 259 -6.37 -15.68 10.42
C ALA B 259 -7.12 -15.19 9.17
N GLY B 260 -7.01 -15.98 8.10
CA GLY B 260 -7.74 -15.71 6.88
C GLY B 260 -8.59 -16.89 6.48
N ALA B 261 -9.69 -16.58 5.79
CA ALA B 261 -10.56 -17.58 5.22
C ALA B 261 -10.75 -17.31 3.73
N ASN B 262 -10.91 -18.39 2.97
CA ASN B 262 -11.18 -18.34 1.55
C ASN B 262 -12.45 -19.15 1.32
N TYR B 263 -13.55 -18.48 0.99
CA TYR B 263 -14.83 -19.16 0.82
C TYR B 263 -15.25 -19.16 -0.65
N GLY B 264 -15.64 -20.34 -1.14
CA GLY B 264 -16.48 -20.46 -2.31
C GLY B 264 -17.87 -20.91 -1.91
N HIS B 265 -18.68 -21.19 -2.93
CA HIS B 265 -20.05 -21.60 -2.65
C HIS B 265 -20.11 -22.91 -1.87
N VAL B 266 -19.21 -23.86 -2.16
CA VAL B 266 -19.29 -25.15 -1.46
C VAL B 266 -18.00 -25.46 -0.70
N TYR B 267 -16.87 -24.92 -1.16
CA TYR B 267 -15.58 -25.21 -0.53
C TYR B 267 -15.15 -24.11 0.43
N ALA B 268 -14.16 -24.41 1.27
CA ALA B 268 -13.61 -23.41 2.19
C ALA B 268 -12.18 -23.80 2.60
N VAL B 269 -11.25 -22.87 2.43
CA VAL B 269 -9.85 -23.10 2.77
C VAL B 269 -9.40 -22.02 3.76
N PHE B 270 -8.76 -22.44 4.84
CA PHE B 270 -8.34 -21.56 5.91
C PHE B 270 -6.82 -21.53 5.98
N GLU B 271 -6.28 -20.38 6.37
CA GLU B 271 -4.85 -20.08 6.28
C GLU B 271 -4.55 -18.91 7.21
N THR B 272 -3.30 -18.48 7.22
CA THR B 272 -2.98 -17.21 7.88
C THR B 272 -3.31 -16.04 6.94
N ALA B 273 -3.74 -14.93 7.53
CA ALA B 273 -4.27 -13.82 6.73
C ALA B 273 -3.26 -13.34 5.69
N THR B 274 -1.99 -13.16 6.09
CA THR B 274 -1.03 -12.54 5.18
C THR B 274 -0.30 -13.52 4.29
N ARG B 275 -0.62 -14.81 4.37
CA ARG B 275 -0.17 -15.77 3.35
C ARG B 275 1.36 -15.84 3.23
N ASN B 276 2.06 -15.80 4.36
CA ASN B 276 3.53 -15.73 4.36
C ASN B 276 4.15 -17.12 4.53
N THR B 277 5.27 -17.36 3.85
CA THR B 277 5.98 -18.64 4.06
C THR B 277 6.82 -18.60 5.33
N GLY B 278 7.44 -17.46 5.61
CA GLY B 278 8.33 -17.33 6.75
C GLY B 278 9.57 -18.18 6.63
N LYS B 279 10.14 -18.31 5.43
CA LYS B 279 11.32 -19.13 5.21
C LYS B 279 12.46 -18.77 6.16
N SER B 280 12.65 -17.48 6.42
CA SER B 280 13.82 -17.02 7.16
C SER B 280 13.71 -17.30 8.66
N ILE B 281 12.53 -17.68 9.16
CA ILE B 281 12.37 -18.05 10.57
C ILE B 281 11.95 -19.50 10.76
N ALA B 282 11.79 -20.28 9.69
CA ALA B 282 11.36 -21.66 9.85
C ALA B 282 12.41 -22.46 10.63
N ASN B 283 11.93 -23.47 11.39
CA ASN B 283 12.78 -24.44 12.09
C ASN B 283 13.68 -23.76 13.12
N LYS B 284 13.14 -22.79 13.84
CA LYS B 284 13.86 -22.11 14.90
C LYS B 284 13.01 -21.97 16.14
N ASN B 285 11.84 -22.61 16.16
CA ASN B 285 10.95 -22.60 17.33
C ASN B 285 10.64 -21.18 17.81
N ILE B 286 10.51 -20.24 16.87
CA ILE B 286 10.15 -18.87 17.23
C ILE B 286 8.91 -18.36 16.51
N ALA B 287 8.42 -19.04 15.48
CA ALA B 287 7.24 -18.55 14.77
C ALA B 287 6.06 -18.40 15.71
N ASN B 288 5.31 -17.32 15.52
CA ASN B 288 4.07 -17.10 16.24
C ASN B 288 3.02 -18.07 15.74
N PRO B 289 2.44 -18.90 16.59
CA PRO B 289 1.41 -19.86 16.15
C PRO B 289 -0.01 -19.32 16.17
N THR B 290 -0.21 -18.10 16.67
CA THR B 290 -1.56 -17.58 16.91
C THR B 290 -2.41 -17.59 15.64
N ALA B 291 -1.90 -17.05 14.54
CA ALA B 291 -2.75 -16.92 13.35
C ALA B 291 -3.14 -18.30 12.83
N THR B 292 -2.21 -19.25 12.82
CA THR B 292 -2.55 -20.59 12.35
C THR B 292 -3.60 -21.21 13.24
N LEU B 293 -3.42 -21.11 14.55
CA LEU B 293 -4.39 -21.68 15.48
C LEU B 293 -5.77 -21.06 15.28
N LEU B 294 -5.83 -19.73 15.15
CA LEU B 294 -7.13 -19.07 14.97
C LEU B 294 -7.78 -19.49 13.66
N ALA B 295 -6.96 -19.67 12.61
CA ALA B 295 -7.49 -20.21 11.36
C ALA B 295 -8.10 -21.58 11.55
N SER B 296 -7.46 -22.43 12.38
CA SER B 296 -8.00 -23.77 12.59
C SER B 296 -9.30 -23.71 13.39
N CYS B 297 -9.51 -22.67 14.20
CA CYS B 297 -10.78 -22.49 14.90
C CYS B 297 -11.90 -22.03 13.97
N MET B 298 -11.59 -21.07 13.09
CA MET B 298 -12.52 -20.68 12.04
C MET B 298 -12.96 -21.87 11.21
N MET B 299 -12.01 -22.76 10.89
CA MET B 299 -12.37 -23.98 10.20
C MET B 299 -13.29 -24.85 11.05
N LEU B 300 -13.05 -24.89 12.36
CA LEU B 300 -13.91 -25.66 13.25
C LEU B 300 -15.33 -25.07 13.31
N ASP B 301 -15.43 -23.75 13.39
CA ASP B 301 -16.74 -23.12 13.34
C ASP B 301 -17.44 -23.48 12.03
N HIS B 302 -16.71 -23.40 10.91
CA HIS B 302 -17.26 -23.77 9.62
C HIS B 302 -17.77 -25.20 9.60
N LEU B 303 -17.07 -26.12 10.28
CA LEU B 303 -17.52 -27.50 10.40
C LEU B 303 -18.64 -27.67 11.41
N LYS B 304 -19.13 -26.57 12.00
CA LYS B 304 -20.15 -26.56 13.05
C LYS B 304 -19.66 -27.24 14.33
N LEU B 305 -18.35 -27.34 14.50
CA LEU B 305 -17.74 -27.84 15.74
C LEU B 305 -17.45 -26.66 16.68
N HIS B 306 -18.52 -25.90 16.96
CA HIS B 306 -18.38 -24.62 17.64
C HIS B 306 -17.78 -24.77 19.03
N SER B 307 -18.21 -25.77 19.81
CA SER B 307 -17.73 -25.87 21.18
C SER B 307 -16.22 -26.11 21.22
N TYR B 308 -15.69 -26.86 20.25
CA TYR B 308 -14.25 -27.01 20.13
C TYR B 308 -13.59 -25.71 19.73
N ALA B 309 -14.14 -25.05 18.70
CA ALA B 309 -13.56 -23.80 18.23
C ALA B 309 -13.44 -22.82 19.37
N THR B 310 -14.48 -22.75 20.21
CA THR B 310 -14.51 -21.76 21.28
C THR B 310 -13.52 -22.12 22.37
N SER B 311 -13.40 -23.41 22.70
CA SER B 311 -12.43 -23.81 23.70
C SER B 311 -11.02 -23.43 23.28
N ILE B 312 -10.66 -23.70 22.02
CA ILE B 312 -9.30 -23.43 21.57
C ILE B 312 -9.09 -21.93 21.43
N ARG B 313 -10.07 -21.22 20.85
CA ARG B 313 -9.90 -19.79 20.58
C ARG B 313 -9.72 -19.00 21.86
N LYS B 314 -10.52 -19.29 22.89
CA LYS B 314 -10.40 -18.54 24.14
C LYS B 314 -9.06 -18.83 24.82
N ALA B 315 -8.62 -20.07 24.79
CA ALA B 315 -7.27 -20.37 25.27
C ALA B 315 -6.24 -19.59 24.48
N VAL B 316 -6.37 -19.59 23.16
CA VAL B 316 -5.43 -18.84 22.33
C VAL B 316 -5.48 -17.36 22.65
N LEU B 317 -6.68 -16.79 22.71
CA LEU B 317 -6.79 -15.35 22.96
C LEU B 317 -6.29 -14.99 24.37
N ALA B 318 -6.63 -15.80 25.37
CA ALA B 318 -6.18 -15.52 26.73
C ALA B 318 -4.66 -15.55 26.83
N SER B 319 -4.02 -16.49 26.11
CA SER B 319 -2.57 -16.56 26.10
C SER B 319 -1.96 -15.24 25.62
N MET B 320 -2.67 -14.53 24.75
CA MET B 320 -2.19 -13.24 24.24
C MET B 320 -2.11 -12.19 25.33
N ASP B 321 -2.95 -12.28 26.35
CA ASP B 321 -2.93 -11.29 27.44
C ASP B 321 -1.66 -11.44 28.26
N ASN B 322 -0.96 -12.56 28.17
CA ASN B 322 0.27 -12.76 28.97
C ASN B 322 1.48 -12.42 28.12
N GLU B 323 2.12 -11.30 28.39
CA GLU B 323 3.28 -10.88 27.60
C GLU B 323 4.43 -11.87 27.71
N ASN B 324 4.46 -12.70 28.74
CA ASN B 324 5.55 -13.70 28.89
C ASN B 324 5.44 -14.76 27.79
N MET B 325 4.26 -14.96 27.23
CA MET B 325 4.02 -15.93 26.17
C MET B 325 4.33 -15.39 24.78
N HIS B 326 4.57 -14.09 24.63
CA HIS B 326 4.70 -13.53 23.29
C HIS B 326 5.98 -14.00 22.61
N THR B 327 5.87 -14.32 21.32
CA THR B 327 7.02 -14.61 20.49
C THR B 327 7.66 -13.29 20.02
N PRO B 328 8.87 -13.34 19.45
CA PRO B 328 9.55 -12.08 19.10
C PRO B 328 8.79 -11.19 18.12
N ASP B 329 8.00 -11.75 17.20
CA ASP B 329 7.28 -10.89 16.26
C ASP B 329 6.38 -9.87 16.93
N ILE B 330 5.99 -10.09 18.19
CA ILE B 330 5.17 -9.11 18.87
C ILE B 330 5.89 -8.60 20.12
N GLY B 331 7.20 -8.47 20.03
CA GLY B 331 7.95 -7.88 21.12
C GLY B 331 8.37 -8.81 22.25
N GLY B 332 8.14 -10.12 22.13
CA GLY B 332 8.38 -11.04 23.21
C GLY B 332 9.66 -11.86 23.02
N GLN B 333 9.83 -12.83 23.92
CA GLN B 333 10.98 -13.70 23.89
C GLN B 333 10.67 -15.19 23.88
N GLY B 334 9.40 -15.58 24.00
CA GLY B 334 9.08 -16.99 24.12
C GLY B 334 9.21 -17.75 22.81
N THR B 335 9.37 -19.06 22.94
CA THR B 335 9.42 -19.97 21.81
C THR B 335 8.00 -20.30 21.36
N THR B 336 7.90 -20.93 20.17
CA THR B 336 6.62 -21.46 19.73
C THR B 336 6.09 -22.50 20.71
N SER B 337 6.94 -23.46 21.09
CA SER B 337 6.46 -24.56 21.92
C SER B 337 6.00 -24.07 23.28
N GLU B 338 6.67 -23.06 23.85
CA GLU B 338 6.18 -22.48 25.09
C GLU B 338 4.79 -21.85 24.91
N ALA B 339 4.55 -21.18 23.78
CA ALA B 339 3.23 -20.63 23.52
C ALA B 339 2.18 -21.75 23.42
N ILE B 340 2.49 -22.78 22.64
CA ILE B 340 1.62 -23.95 22.55
C ILE B 340 1.40 -24.58 23.92
N GLN B 341 2.45 -24.64 24.75
CA GLN B 341 2.29 -25.21 26.09
C GLN B 341 1.26 -24.42 26.89
N ASP B 342 1.29 -23.10 26.76
CA ASP B 342 0.35 -22.27 27.51
C ASP B 342 -1.07 -22.39 26.94
N VAL B 343 -1.19 -22.48 25.62
CA VAL B 343 -2.51 -22.73 25.03
C VAL B 343 -3.09 -24.04 25.55
N ILE B 344 -2.30 -25.11 25.51
CA ILE B 344 -2.79 -26.42 25.91
C ILE B 344 -3.12 -26.45 27.39
N ARG B 345 -2.32 -25.80 28.23
CA ARG B 345 -2.63 -25.73 29.64
C ARG B 345 -3.97 -25.05 29.89
N HIS B 346 -4.39 -24.15 29.00
CA HIS B 346 -5.62 -23.38 29.20
C HIS B 346 -6.83 -23.99 28.52
N ILE B 347 -6.66 -25.08 27.79
CA ILE B 347 -7.80 -25.83 27.25
C ILE B 347 -8.18 -26.87 28.30
N ARG B 348 -9.30 -26.64 28.97
CA ARG B 348 -9.75 -27.52 30.04
C ARG B 348 -11.27 -27.71 29.98
#